data_6S2V
#
_entry.id   6S2V
#
_cell.length_a   105.737
_cell.length_b   105.737
_cell.length_c   241.455
_cell.angle_alpha   90.00
_cell.angle_beta   90.00
_cell.angle_gamma   90.00
#
_symmetry.space_group_name_H-M   'P 41 21 2'
#
loop_
_entity.id
_entity.type
_entity.pdbx_description
1 polymer '(P)ppGpp synthetase I, SpoT/RelA'
2 non-polymer 'MANGANESE (II) ION'
3 non-polymer 'CHLORIDE ION'
4 non-polymer 'PHOSPHATE ION'
5 non-polymer 'SODIUM ION'
6 water water
#
_entity_poly.entity_id   1
_entity_poly.type   'polypeptide(L)'
_entity_poly.pdbx_seq_one_letter_code
;ASVGADLGLWNRLEPALAYLAPEERAKVREAYRFAEEAHRGQLRRSGEPYITHPVAVAEILAGLQMDADTVAAGLLHDTL
EDCGVAPEELERRFGPTVRRIVEGETKVSKLYKLANLEGEERRAEDLRQMFIAMAEDVRIIIVKLADRLHNLRTLEHMPP
EKQKRIAQETLEIYAPLAHRLGMGQLKWELEDLSFRYLHPEAFASLSARIQATQEARERLIQKAIHLLQETLARDELLQS
QLQGFEVTGRPKHLYSIWKKMEREGKTLEQIYDLLAVRVILDPKPAPTRESQALREKQVCYHVLGLVHALWQPIPGRVKD
YIAVPKPNGYQSLHTTVIALEGLPLEVQIRTREMHR
;
_entity_poly.pdbx_strand_id   A,B,C
#
loop_
_chem_comp.id
_chem_comp.type
_chem_comp.name
_chem_comp.formula
CL non-polymer 'CHLORIDE ION' 'Cl -1'
MN non-polymer 'MANGANESE (II) ION' 'Mn 2'
NA non-polymer 'SODIUM ION' 'Na 1'
PO4 non-polymer 'PHOSPHATE ION' 'O4 P -3'
#
# COMPACT_ATOMS: atom_id res chain seq x y z
N TRP A 10 42.99 24.22 5.93
CA TRP A 10 42.00 25.27 5.75
C TRP A 10 41.09 25.08 4.54
N ASN A 11 41.67 24.72 3.37
CA ASN A 11 40.95 24.50 2.11
C ASN A 11 39.89 23.39 2.21
N ARG A 12 40.02 22.52 3.23
CA ARG A 12 39.10 21.42 3.52
C ARG A 12 37.95 21.95 4.38
N LEU A 13 38.28 22.82 5.37
CA LEU A 13 37.33 23.41 6.30
C LEU A 13 36.45 24.49 5.67
N GLU A 14 37.07 25.49 4.99
CA GLU A 14 36.42 26.62 4.32
C GLU A 14 35.07 26.27 3.61
N PRO A 15 34.93 25.21 2.75
CA PRO A 15 33.62 24.93 2.12
C PRO A 15 32.47 24.64 3.08
N ALA A 16 32.76 23.98 4.22
CA ALA A 16 31.79 23.64 5.26
C ALA A 16 31.25 24.88 6.00
N LEU A 17 31.96 26.02 5.89
CA LEU A 17 31.62 27.29 6.53
C LEU A 17 30.74 28.20 5.66
N ALA A 18 30.24 27.68 4.51
CA ALA A 18 29.37 28.38 3.54
C ALA A 18 28.13 29.05 4.15
N TYR A 19 27.51 28.41 5.15
CA TYR A 19 26.31 28.86 5.86
C TYR A 19 26.50 30.14 6.72
N LEU A 20 27.78 30.55 6.96
CA LEU A 20 28.14 31.73 7.78
C LEU A 20 28.34 32.97 6.94
N ALA A 21 28.02 34.14 7.52
CA ALA A 21 28.21 35.45 6.88
C ALA A 21 29.71 35.71 6.66
N PRO A 22 30.15 36.41 5.59
CA PRO A 22 31.60 36.61 5.36
C PRO A 22 32.44 37.03 6.58
N GLU A 23 31.89 37.95 7.42
CA GLU A 23 32.50 38.47 8.66
C GLU A 23 32.61 37.37 9.74
N GLU A 24 31.62 36.45 9.76
CA GLU A 24 31.61 35.30 10.68
C GLU A 24 32.71 34.34 10.24
N ARG A 25 32.83 34.08 8.92
CA ARG A 25 33.87 33.22 8.37
C ARG A 25 35.26 33.82 8.66
N ALA A 26 35.43 35.16 8.54
CA ALA A 26 36.69 35.86 8.85
C ALA A 26 37.13 35.60 10.30
N LYS A 27 36.16 35.55 11.25
CA LYS A 27 36.44 35.25 12.66
C LYS A 27 37.00 33.82 12.77
N VAL A 28 36.38 32.86 12.03
CA VAL A 28 36.81 31.46 11.99
C VAL A 28 38.23 31.35 11.39
N ARG A 29 38.55 32.08 10.28
CA ARG A 29 39.90 32.04 9.69
C ARG A 29 40.94 32.60 10.66
N GLU A 30 40.61 33.72 11.37
CA GLU A 30 41.43 34.37 12.39
C GLU A 30 41.70 33.40 13.55
N ALA A 31 40.68 32.57 13.90
CA ALA A 31 40.77 31.54 14.93
C ALA A 31 41.65 30.39 14.49
N TYR A 32 41.50 29.93 13.22
CA TYR A 32 42.30 28.86 12.64
C TYR A 32 43.76 29.27 12.60
N ARG A 33 44.04 30.49 12.11
CA ARG A 33 45.40 30.98 11.99
C ARG A 33 46.06 31.18 13.35
N PHE A 34 45.25 31.38 14.40
CA PHE A 34 45.72 31.51 15.77
C PHE A 34 46.06 30.13 16.34
N ALA A 35 45.15 29.16 16.18
CA ALA A 35 45.34 27.76 16.59
C ALA A 35 46.58 27.22 15.89
N GLU A 36 46.71 27.49 14.56
CA GLU A 36 47.85 27.11 13.71
C GLU A 36 49.18 27.54 14.35
N GLU A 37 49.21 28.72 15.01
CA GLU A 37 50.38 29.26 15.70
C GLU A 37 50.57 28.59 17.07
N ALA A 38 49.53 28.58 17.93
CA ALA A 38 49.58 27.98 19.26
C ALA A 38 50.01 26.49 19.23
N HIS A 39 49.52 25.75 18.21
CA HIS A 39 49.80 24.32 18.00
C HIS A 39 50.95 24.05 17.03
N ARG A 40 51.78 25.09 16.72
CA ARG A 40 52.94 24.98 15.83
C ARG A 40 53.99 24.03 16.39
N GLY A 41 54.37 23.03 15.59
CA GLY A 41 55.36 22.03 15.95
C GLY A 41 54.84 20.79 16.64
N GLN A 42 53.70 20.92 17.35
CA GLN A 42 53.03 19.85 18.11
C GLN A 42 52.51 18.74 17.21
N LEU A 43 52.59 17.50 17.72
CA LEU A 43 52.13 16.30 17.04
C LEU A 43 51.10 15.55 17.88
N ARG A 44 50.30 14.74 17.20
CA ARG A 44 49.31 13.88 17.82
C ARG A 44 49.99 12.50 18.04
N ARG A 45 49.21 11.48 18.52
CA ARG A 45 49.68 10.09 18.73
C ARG A 45 50.13 9.57 17.34
N SER A 46 49.31 9.85 16.31
CA SER A 46 49.63 9.64 14.90
C SER A 46 50.58 10.80 14.60
N GLY A 47 51.65 10.53 13.87
CA GLY A 47 52.67 11.52 13.50
C GLY A 47 52.18 12.85 12.94
N GLU A 48 50.87 12.94 12.61
CA GLU A 48 50.15 14.10 12.07
C GLU A 48 50.29 15.34 12.98
N PRO A 49 50.37 16.58 12.41
CA PRO A 49 50.48 17.78 13.26
C PRO A 49 49.20 18.01 14.06
N TYR A 50 49.32 18.54 15.31
CA TYR A 50 48.16 18.74 16.19
C TYR A 50 47.04 19.54 15.58
N ILE A 51 47.34 20.61 14.81
CA ILE A 51 46.35 21.48 14.14
C ILE A 51 45.22 20.63 13.45
N THR A 52 45.53 19.39 12.96
CA THR A 52 44.55 18.50 12.31
C THR A 52 43.36 18.16 13.24
N HIS A 53 43.62 18.01 14.57
CA HIS A 53 42.59 17.72 15.56
C HIS A 53 41.59 18.89 15.71
N PRO A 54 41.97 20.14 16.14
CA PRO A 54 40.97 21.22 16.24
C PRO A 54 40.23 21.52 14.93
N VAL A 55 40.88 21.32 13.75
CA VAL A 55 40.28 21.48 12.42
C VAL A 55 39.16 20.46 12.26
N ALA A 56 39.44 19.17 12.54
CA ALA A 56 38.47 18.08 12.48
C ALA A 56 37.31 18.30 13.43
N VAL A 57 37.59 18.89 14.61
CA VAL A 57 36.57 19.22 15.61
C VAL A 57 35.68 20.35 15.05
N ALA A 58 36.30 21.38 14.41
CA ALA A 58 35.59 22.50 13.77
C ALA A 58 34.73 21.99 12.59
N GLU A 59 35.23 20.96 11.86
CA GLU A 59 34.50 20.33 10.75
C GLU A 59 33.22 19.68 11.27
N ILE A 60 33.31 18.94 12.41
CA ILE A 60 32.17 18.27 13.08
C ILE A 60 31.11 19.30 13.47
N LEU A 61 31.55 20.44 14.03
CA LEU A 61 30.69 21.55 14.46
C LEU A 61 30.05 22.26 13.25
N ALA A 62 30.83 22.52 12.18
CA ALA A 62 30.35 23.17 10.94
C ALA A 62 29.34 22.30 10.17
N GLY A 63 29.48 20.98 10.30
CA GLY A 63 28.58 20.00 9.72
C GLY A 63 27.24 20.07 10.42
N LEU A 64 27.28 20.43 11.72
CA LEU A 64 26.11 20.59 12.58
C LEU A 64 25.53 22.01 12.49
N GLN A 65 26.11 22.85 11.60
CA GLN A 65 25.73 24.24 11.33
C GLN A 65 25.78 25.09 12.61
N MET A 66 26.83 24.87 13.39
CA MET A 66 27.03 25.55 14.66
C MET A 66 27.31 27.03 14.52
N ASP A 67 27.06 27.77 15.62
CA ASP A 67 27.33 29.20 15.79
C ASP A 67 28.80 29.52 15.42
N ALA A 68 29.07 30.72 14.86
CA ALA A 68 30.42 31.13 14.48
C ALA A 68 31.41 31.05 15.64
N ASP A 69 31.00 31.51 16.84
CA ASP A 69 31.79 31.47 18.06
C ASP A 69 32.06 30.02 18.47
N THR A 70 31.10 29.11 18.21
CA THR A 70 31.23 27.69 18.50
C THR A 70 32.22 27.01 17.59
N VAL A 71 32.17 27.29 16.27
CA VAL A 71 33.12 26.70 15.33
C VAL A 71 34.52 27.19 15.71
N ALA A 72 34.69 28.52 15.89
CA ALA A 72 35.95 29.19 16.29
C ALA A 72 36.51 28.60 17.59
N ALA A 73 35.63 28.42 18.62
CA ALA A 73 35.96 27.81 19.91
C ALA A 73 36.43 26.35 19.74
N GLY A 74 35.96 25.68 18.70
CA GLY A 74 36.37 24.33 18.31
C GLY A 74 37.79 24.32 17.78
N LEU A 75 38.21 25.39 17.08
CA LEU A 75 39.59 25.50 16.61
C LEU A 75 40.54 25.82 17.78
N LEU A 76 40.02 26.46 18.84
CA LEU A 76 40.82 26.91 19.98
C LEU A 76 40.66 26.11 21.28
N HIS A 77 39.78 25.09 21.33
CA HIS A 77 39.48 24.30 22.55
C HIS A 77 40.71 23.69 23.27
N ASP A 78 41.83 23.52 22.54
CA ASP A 78 43.04 22.94 23.12
C ASP A 78 44.21 23.95 23.20
N THR A 79 43.94 25.22 22.89
CA THR A 79 44.95 26.28 23.01
C THR A 79 45.22 26.62 24.50
N LEU A 80 44.36 26.14 25.39
CA LEU A 80 44.53 26.40 26.85
C LEU A 80 45.08 25.16 27.54
N GLU A 81 44.51 24.00 27.21
CA GLU A 81 44.87 22.69 27.74
C GLU A 81 46.17 22.13 27.11
N ASP A 82 46.08 21.69 25.86
CA ASP A 82 47.25 21.10 25.16
C ASP A 82 48.44 22.05 25.16
N CYS A 83 48.33 23.22 24.52
CA CYS A 83 49.50 24.13 24.43
C CYS A 83 49.21 25.56 24.86
N GLY A 84 49.96 26.05 25.87
CA GLY A 84 49.92 27.44 26.36
C GLY A 84 48.70 27.86 27.15
N VAL A 85 48.78 29.05 27.75
CA VAL A 85 47.64 29.63 28.52
C VAL A 85 47.28 30.97 27.86
N ALA A 86 46.03 31.14 27.45
CA ALA A 86 45.60 32.39 26.79
C ALA A 86 44.22 32.82 27.28
N PRO A 87 43.88 32.73 28.59
CA PRO A 87 42.53 33.07 29.04
C PRO A 87 42.14 34.53 28.75
N GLU A 88 43.06 35.48 28.94
CA GLU A 88 42.74 36.91 28.66
C GLU A 88 43.02 37.21 27.19
N GLU A 89 43.90 36.42 26.56
CA GLU A 89 44.24 36.60 25.16
C GLU A 89 43.07 36.22 24.25
N LEU A 90 42.39 35.10 24.56
CA LEU A 90 41.24 34.65 23.79
C LEU A 90 40.07 35.63 23.88
N GLU A 91 39.88 36.28 25.05
CA GLU A 91 38.84 37.30 25.25
C GLU A 91 39.18 38.58 24.49
N ARG A 92 40.48 38.93 24.48
CA ARG A 92 41.02 40.09 23.80
C ARG A 92 40.93 39.95 22.27
N ARG A 93 41.15 38.72 21.76
CA ARG A 93 41.20 38.44 20.33
C ARG A 93 39.90 37.92 19.71
N PHE A 94 39.17 37.04 20.41
CA PHE A 94 37.95 36.40 19.87
C PHE A 94 36.64 36.70 20.64
N GLY A 95 36.73 37.54 21.68
CA GLY A 95 35.58 37.91 22.49
C GLY A 95 35.40 37.08 23.75
N PRO A 96 34.45 37.46 24.63
CA PRO A 96 34.27 36.71 25.88
C PRO A 96 33.56 35.37 25.73
N THR A 97 32.61 35.28 24.77
CA THR A 97 31.82 34.09 24.49
C THR A 97 32.68 32.95 23.97
N VAL A 98 33.71 33.24 23.13
CA VAL A 98 34.65 32.21 22.63
C VAL A 98 35.53 31.76 23.81
N ARG A 99 36.05 32.72 24.61
CA ARG A 99 36.84 32.48 25.81
C ARG A 99 36.04 31.60 26.80
N ARG A 100 34.75 31.89 26.99
CA ARG A 100 33.86 31.17 27.89
C ARG A 100 33.67 29.70 27.49
N ILE A 101 33.44 29.43 26.19
CA ILE A 101 33.28 28.07 25.65
C ILE A 101 34.58 27.27 25.83
N VAL A 102 35.73 27.85 25.41
CA VAL A 102 37.04 27.19 25.46
C VAL A 102 37.45 26.88 26.91
N GLU A 103 37.06 27.75 27.83
CA GLU A 103 37.18 27.44 29.29
C GLU A 103 36.05 26.44 29.57
N GLY A 104 36.22 25.49 30.49
CA GLY A 104 35.15 24.49 30.69
C GLY A 104 34.19 24.82 31.81
N GLU A 105 32.91 25.02 31.47
CA GLU A 105 31.84 25.29 32.48
C GLU A 105 30.60 24.46 32.13
N THR A 106 30.68 23.13 32.30
CA THR A 106 29.52 22.23 31.97
C THR A 106 28.46 22.34 33.07
N LYS A 107 28.87 22.77 34.26
CA LYS A 107 27.99 22.94 35.44
C LYS A 107 27.35 21.59 35.73
N VAL A 108 26.02 21.49 35.61
CA VAL A 108 25.32 20.21 35.92
C VAL A 108 23.88 20.30 35.39
N SER A 109 23.23 19.15 35.19
CA SER A 109 21.83 19.12 34.70
C SER A 109 20.92 19.60 35.84
N LYS A 110 20.35 20.81 35.71
CA LYS A 110 19.50 21.35 36.74
C LYS A 110 18.16 21.84 36.18
N LEU A 111 17.61 21.11 35.19
CA LEU A 111 16.33 21.43 34.57
C LEU A 111 15.17 21.26 35.50
N TYR A 112 15.33 20.41 36.53
CA TYR A 112 14.32 20.18 37.56
C TYR A 112 14.08 21.44 38.39
N LYS A 113 15.06 22.38 38.39
CA LYS A 113 14.98 23.67 39.09
C LYS A 113 13.94 24.62 38.45
N LEU A 114 13.64 24.46 37.13
CA LEU A 114 12.64 25.25 36.38
C LEU A 114 11.23 25.00 36.90
N ALA A 115 10.90 23.73 37.16
CA ALA A 115 9.61 23.22 37.65
C ALA A 115 9.19 23.80 39.01
N ASN A 116 10.16 23.86 39.97
CA ASN A 116 9.99 24.39 41.33
C ASN A 116 10.00 25.92 41.32
N LEU A 117 10.87 26.53 40.46
CA LEU A 117 11.00 27.98 40.33
C LEU A 117 10.37 28.54 39.04
N GLU A 118 9.10 28.96 39.12
CA GLU A 118 8.34 29.59 38.04
C GLU A 118 8.77 31.08 37.90
N GLY A 119 8.99 31.74 39.04
CA GLY A 119 9.42 33.13 39.10
C GLY A 119 10.91 33.26 39.38
N ALA A 124 12.08 39.74 32.60
CA ALA A 124 13.16 40.23 33.46
C ALA A 124 14.54 40.08 32.81
N GLU A 125 15.50 40.90 33.27
CA GLU A 125 16.89 40.88 32.79
C GLU A 125 17.64 39.63 33.28
N ASP A 126 17.22 39.05 34.44
CA ASP A 126 17.82 37.85 35.05
C ASP A 126 17.30 36.57 34.39
N LEU A 127 16.09 36.63 33.78
CA LEU A 127 15.47 35.53 33.03
C LEU A 127 15.97 35.62 31.61
N ARG A 128 16.38 36.82 31.17
CA ARG A 128 16.94 37.05 29.84
C ARG A 128 18.36 36.45 29.80
N GLN A 129 19.16 36.72 30.85
CA GLN A 129 20.52 36.22 31.02
C GLN A 129 20.54 34.71 31.20
N MET A 130 19.43 34.15 31.75
CA MET A 130 19.24 32.72 31.97
C MET A 130 19.36 32.01 30.62
N PHE A 131 18.72 32.56 29.56
CA PHE A 131 18.77 32.03 28.21
C PHE A 131 20.19 32.12 27.68
N ILE A 132 20.81 33.31 27.72
CA ILE A 132 22.16 33.49 27.19
C ILE A 132 23.20 32.62 27.93
N ALA A 133 23.00 32.31 29.23
CA ALA A 133 23.89 31.47 30.03
C ALA A 133 23.76 30.01 29.64
N MET A 134 22.50 29.55 29.47
CA MET A 134 22.08 28.20 29.07
C MET A 134 22.56 27.85 27.68
N ALA A 135 22.33 28.74 26.69
CA ALA A 135 22.75 28.56 25.30
C ALA A 135 24.27 28.47 25.22
N GLU A 136 24.99 29.23 26.09
CA GLU A 136 26.46 29.22 26.18
C GLU A 136 26.89 27.87 26.79
N ASP A 137 26.11 27.38 27.79
CA ASP A 137 26.33 26.11 28.49
C ASP A 137 26.09 24.91 27.60
N VAL A 138 25.16 25.04 26.63
CA VAL A 138 24.88 23.99 25.66
C VAL A 138 26.09 23.90 24.74
N ARG A 139 26.56 25.04 24.20
CA ARG A 139 27.71 25.14 23.27
C ARG A 139 29.00 24.53 23.80
N ILE A 140 29.22 24.64 25.13
CA ILE A 140 30.36 24.04 25.83
C ILE A 140 30.28 22.50 25.65
N ILE A 141 29.12 21.92 25.98
CA ILE A 141 28.85 20.48 25.89
C ILE A 141 29.10 19.96 24.47
N ILE A 142 28.58 20.65 23.44
CA ILE A 142 28.75 20.24 22.04
C ILE A 142 30.19 20.18 21.65
N VAL A 143 31.00 21.19 22.05
CA VAL A 143 32.42 21.17 21.68
C VAL A 143 33.11 19.96 22.32
N LYS A 144 32.83 19.69 23.62
CA LYS A 144 33.38 18.53 24.35
C LYS A 144 33.04 17.25 23.56
N LEU A 145 31.78 17.16 23.10
CA LEU A 145 31.22 16.03 22.35
C LEU A 145 31.86 15.84 21.00
N ALA A 146 32.05 16.95 20.24
CA ALA A 146 32.69 16.95 18.92
C ALA A 146 34.11 16.46 19.07
N ASP A 147 34.82 16.97 20.11
CA ASP A 147 36.20 16.62 20.45
C ASP A 147 36.31 15.11 20.75
N ARG A 148 35.43 14.60 21.64
CA ARG A 148 35.43 13.20 22.04
C ARG A 148 35.13 12.29 20.87
N LEU A 149 34.18 12.67 20.03
CA LEU A 149 33.80 11.91 18.85
C LEU A 149 34.99 11.76 17.91
N HIS A 150 35.74 12.86 17.69
CA HIS A 150 36.91 12.81 16.83
C HIS A 150 38.01 11.94 17.43
N ASN A 151 38.30 12.08 18.73
CA ASN A 151 39.33 11.28 19.40
C ASN A 151 39.05 9.79 19.19
N LEU A 152 37.79 9.37 19.41
CA LEU A 152 37.35 7.99 19.25
C LEU A 152 37.54 7.50 17.81
N ARG A 153 37.31 8.38 16.84
CA ARG A 153 37.49 8.07 15.43
C ARG A 153 38.97 7.70 15.17
N THR A 154 39.90 8.49 15.75
CA THR A 154 41.35 8.35 15.66
C THR A 154 41.96 7.58 16.86
N LEU A 155 41.23 6.58 17.41
CA LEU A 155 41.69 5.81 18.57
C LEU A 155 42.60 4.61 18.23
N GLU A 156 42.79 4.33 16.92
CA GLU A 156 43.64 3.24 16.42
C GLU A 156 45.13 3.42 16.76
N HIS A 157 45.54 4.65 17.15
CA HIS A 157 46.92 5.02 17.50
C HIS A 157 47.15 5.03 19.02
N MET A 158 46.30 4.32 19.76
CA MET A 158 46.35 4.27 21.21
C MET A 158 46.64 2.88 21.74
N PRO A 159 47.41 2.74 22.86
CA PRO A 159 47.61 1.39 23.45
C PRO A 159 46.27 0.73 23.78
N PRO A 160 46.10 -0.61 23.59
CA PRO A 160 44.78 -1.24 23.83
C PRO A 160 44.16 -1.07 25.22
N GLU A 161 44.93 -0.57 26.18
CA GLU A 161 44.38 -0.34 27.55
C GLU A 161 43.73 1.05 27.59
N LYS A 162 44.52 2.08 27.24
CA LYS A 162 44.07 3.48 27.19
C LYS A 162 42.77 3.61 26.36
N GLN A 163 42.66 2.76 25.32
CA GLN A 163 41.53 2.63 24.39
C GLN A 163 40.28 2.26 25.17
N LYS A 164 40.39 1.34 26.14
CA LYS A 164 39.29 0.86 26.97
C LYS A 164 38.89 1.84 28.05
N ARG A 165 39.84 2.61 28.57
CA ARG A 165 39.57 3.61 29.60
C ARG A 165 38.74 4.78 29.02
N ILE A 166 39.03 5.17 27.76
CA ILE A 166 38.29 6.28 27.17
C ILE A 166 36.91 5.82 26.63
N ALA A 167 36.78 4.58 26.12
CA ALA A 167 35.50 4.04 25.66
C ALA A 167 34.49 3.98 26.83
N GLN A 168 34.96 3.55 28.04
CA GLN A 168 34.12 3.50 29.24
C GLN A 168 33.71 4.91 29.68
N GLU A 169 34.68 5.85 29.79
CA GLU A 169 34.42 7.26 30.12
C GLU A 169 33.35 7.82 29.15
N THR A 170 33.50 7.55 27.82
CA THR A 170 32.54 7.99 26.81
C THR A 170 31.15 7.45 27.10
N LEU A 171 31.04 6.14 27.40
CA LEU A 171 29.75 5.49 27.70
C LEU A 171 29.12 5.95 29.02
N GLU A 172 29.95 6.29 30.02
CA GLU A 172 29.48 6.77 31.32
C GLU A 172 29.11 8.26 31.30
N ILE A 173 29.99 9.11 30.69
CA ILE A 173 29.88 10.58 30.65
C ILE A 173 29.30 11.20 29.36
N TYR A 174 30.01 11.08 28.23
CA TYR A 174 29.70 11.77 26.97
C TYR A 174 28.46 11.28 26.22
N ALA A 175 28.30 9.96 25.98
CA ALA A 175 27.09 9.48 25.29
C ALA A 175 25.83 9.95 26.08
N PRO A 176 25.78 9.86 27.44
CA PRO A 176 24.62 10.42 28.18
C PRO A 176 24.44 11.94 28.06
N LEU A 177 25.54 12.71 27.98
CA LEU A 177 25.48 14.18 27.79
C LEU A 177 24.85 14.49 26.43
N ALA A 178 25.22 13.69 25.40
CA ALA A 178 24.70 13.81 24.04
C ALA A 178 23.20 13.55 24.05
N HIS A 179 22.77 12.54 24.83
CA HIS A 179 21.37 12.19 24.97
C HIS A 179 20.54 13.33 25.56
N ARG A 180 21.05 13.99 26.63
CA ARG A 180 20.43 15.14 27.32
C ARG A 180 20.14 16.27 26.33
N LEU A 181 21.09 16.52 25.44
CA LEU A 181 21.01 17.57 24.44
C LEU A 181 20.14 17.19 23.23
N GLY A 182 19.64 15.96 23.21
CA GLY A 182 18.82 15.43 22.13
C GLY A 182 19.60 15.17 20.85
N MET A 183 20.94 14.96 20.95
CA MET A 183 21.77 14.68 19.77
C MET A 183 21.98 13.18 19.59
N GLY A 184 20.90 12.51 19.20
CA GLY A 184 20.85 11.09 18.91
C GLY A 184 21.87 10.59 17.89
N GLN A 185 22.17 11.40 16.86
CA GLN A 185 23.15 11.06 15.82
C GLN A 185 24.58 11.05 16.35
N LEU A 186 24.85 11.91 17.36
CA LEU A 186 26.14 12.00 18.05
C LEU A 186 26.21 10.85 19.02
N LYS A 187 25.14 10.68 19.86
CA LYS A 187 25.00 9.61 20.86
C LYS A 187 25.20 8.24 20.23
N TRP A 188 24.60 8.01 19.03
CA TRP A 188 24.70 6.74 18.30
C TRP A 188 26.16 6.42 18.00
N GLU A 189 26.88 7.33 17.33
CA GLU A 189 28.27 7.18 16.94
C GLU A 189 29.19 7.04 18.12
N LEU A 190 28.92 7.79 19.20
CA LEU A 190 29.71 7.73 20.42
C LEU A 190 29.59 6.34 21.03
N GLU A 191 28.36 5.82 21.17
CA GLU A 191 28.08 4.47 21.70
C GLU A 191 28.77 3.38 20.89
N ASP A 192 28.55 3.36 19.56
CA ASP A 192 29.10 2.35 18.65
C ASP A 192 30.63 2.32 18.53
N LEU A 193 31.29 3.50 18.59
CA LEU A 193 32.75 3.57 18.54
C LEU A 193 33.30 3.12 19.89
N SER A 194 32.58 3.43 20.99
CA SER A 194 32.93 3.02 22.35
C SER A 194 32.82 1.51 22.49
N PHE A 195 31.78 0.92 21.89
CA PHE A 195 31.54 -0.51 21.89
C PHE A 195 32.69 -1.23 21.22
N ARG A 196 33.13 -0.72 20.06
CA ARG A 196 34.22 -1.26 19.26
C ARG A 196 35.47 -1.46 20.07
N TYR A 197 35.87 -0.44 20.83
CA TYR A 197 37.13 -0.46 21.57
C TYR A 197 36.98 -1.10 22.96
N LEU A 198 35.78 -1.02 23.61
CA LEU A 198 35.51 -1.64 24.92
C LEU A 198 35.48 -3.18 24.84
N HIS A 199 34.54 -3.75 24.06
CA HIS A 199 34.43 -5.20 23.84
C HIS A 199 34.68 -5.47 22.33
N PRO A 200 35.96 -5.50 21.86
CA PRO A 200 36.19 -5.69 20.41
C PRO A 200 35.74 -7.02 19.84
N GLU A 201 35.93 -8.11 20.61
CA GLU A 201 35.55 -9.47 20.28
C GLU A 201 34.02 -9.61 20.07
N ALA A 202 33.22 -8.87 20.88
CA ALA A 202 31.75 -8.84 20.79
C ALA A 202 31.35 -7.98 19.61
N PHE A 203 32.08 -6.87 19.39
CA PHE A 203 31.85 -5.96 18.29
C PHE A 203 32.06 -6.65 16.94
N ALA A 204 33.24 -7.30 16.75
CA ALA A 204 33.60 -8.00 15.52
C ALA A 204 32.69 -9.19 15.22
N SER A 205 32.14 -9.85 16.28
CA SER A 205 31.23 -10.99 16.16
C SER A 205 29.88 -10.52 15.64
N LEU A 206 29.33 -9.45 16.25
CA LEU A 206 28.05 -8.86 15.87
C LEU A 206 28.14 -8.18 14.50
N SER A 207 29.22 -7.41 14.22
CA SER A 207 29.45 -6.73 12.94
C SER A 207 29.41 -7.69 11.75
N ALA A 208 30.26 -8.74 11.78
CA ALA A 208 30.35 -9.76 10.74
C ALA A 208 29.05 -10.56 10.59
N ARG A 209 28.28 -10.71 11.69
CA ARG A 209 26.99 -11.41 11.67
C ARG A 209 25.96 -10.58 10.90
N ILE A 210 25.95 -9.24 11.11
CA ILE A 210 25.07 -8.31 10.39
C ILE A 210 25.51 -8.25 8.93
N GLN A 211 26.81 -8.25 8.64
CA GLN A 211 27.36 -8.25 7.28
C GLN A 211 27.03 -9.53 6.47
N ALA A 212 26.20 -10.43 7.04
CA ALA A 212 25.74 -11.67 6.41
C ALA A 212 24.27 -11.54 6.02
N THR A 213 23.44 -11.05 6.96
CA THR A 213 22.00 -10.83 6.75
C THR A 213 21.81 -9.52 5.97
N GLN A 214 22.55 -8.46 6.37
CA GLN A 214 22.52 -7.11 5.77
C GLN A 214 22.78 -7.09 4.28
N GLU A 215 23.74 -7.92 3.77
CA GLU A 215 24.03 -7.96 2.34
C GLU A 215 22.85 -8.56 1.54
N ALA A 216 22.23 -9.65 2.04
CA ALA A 216 21.05 -10.26 1.42
C ALA A 216 19.82 -9.31 1.42
N ARG A 217 19.55 -8.65 2.58
CA ARG A 217 18.48 -7.67 2.80
C ARG A 217 18.68 -6.47 1.89
N GLU A 218 19.92 -5.89 1.86
CA GLU A 218 20.43 -4.72 1.11
C GLU A 218 19.92 -4.60 -0.32
N ARG A 219 19.74 -5.72 -1.04
CA ARG A 219 19.24 -5.72 -2.42
C ARG A 219 17.77 -5.21 -2.47
N LEU A 220 16.92 -5.77 -1.59
CA LEU A 220 15.51 -5.42 -1.42
C LEU A 220 15.37 -4.02 -0.85
N ILE A 221 16.13 -3.70 0.22
CA ILE A 221 16.11 -2.41 0.90
C ILE A 221 16.41 -1.31 -0.11
N GLN A 222 17.39 -1.53 -1.00
CA GLN A 222 17.72 -0.54 -2.02
C GLN A 222 16.65 -0.41 -3.08
N LYS A 223 15.98 -1.52 -3.44
CA LYS A 223 14.89 -1.46 -4.43
C LYS A 223 13.78 -0.60 -3.83
N ALA A 224 13.43 -0.85 -2.54
CA ALA A 224 12.41 -0.16 -1.77
C ALA A 224 12.73 1.31 -1.63
N ILE A 225 14.02 1.63 -1.30
CA ILE A 225 14.54 2.99 -1.12
C ILE A 225 14.32 3.81 -2.38
N HIS A 226 14.69 3.23 -3.53
CA HIS A 226 14.56 3.84 -4.86
C HIS A 226 13.10 4.07 -5.22
N LEU A 227 12.26 3.08 -4.90
CA LEU A 227 10.86 3.15 -5.19
C LEU A 227 10.16 4.23 -4.38
N LEU A 228 10.47 4.33 -3.06
CA LEU A 228 9.88 5.34 -2.18
C LEU A 228 10.40 6.75 -2.54
N GLN A 229 11.73 6.91 -2.70
CA GLN A 229 12.37 8.17 -3.07
C GLN A 229 11.76 8.73 -4.36
N GLU A 230 11.60 7.88 -5.39
CA GLU A 230 11.05 8.30 -6.69
C GLU A 230 9.56 8.60 -6.62
N THR A 231 8.80 7.92 -5.71
CA THR A 231 7.36 8.09 -5.50
C THR A 231 7.08 9.43 -4.83
N LEU A 232 7.93 9.80 -3.87
CA LEU A 232 7.84 11.05 -3.11
C LEU A 232 8.22 12.25 -3.95
N ALA A 233 9.36 12.17 -4.68
CA ALA A 233 9.84 13.24 -5.55
C ALA A 233 8.86 13.53 -6.68
N ARG A 234 8.13 12.50 -7.16
CA ARG A 234 7.16 12.67 -8.24
C ARG A 234 5.79 13.24 -7.77
N ASP A 235 5.49 13.27 -6.43
CA ASP A 235 4.23 13.83 -5.93
C ASP A 235 4.36 15.35 -5.83
N GLU A 236 3.55 16.06 -6.65
CA GLU A 236 3.54 17.51 -6.77
C GLU A 236 3.19 18.25 -5.50
N LEU A 237 2.06 17.88 -4.85
CA LEU A 237 1.57 18.53 -3.64
C LEU A 237 2.52 18.39 -2.47
N LEU A 238 3.13 17.22 -2.35
CA LEU A 238 4.06 16.95 -1.27
C LEU A 238 5.27 17.83 -1.39
N GLN A 239 5.89 17.85 -2.57
CA GLN A 239 7.08 18.65 -2.81
C GLN A 239 6.86 20.14 -2.61
N SER A 240 5.60 20.62 -2.74
CA SER A 240 5.20 22.01 -2.51
C SER A 240 5.38 22.40 -1.02
N GLN A 241 4.97 21.52 -0.10
CA GLN A 241 5.05 21.78 1.35
C GLN A 241 6.31 21.16 1.98
N LEU A 242 7.24 20.69 1.14
CA LEU A 242 8.49 20.03 1.53
C LEU A 242 9.71 20.83 1.04
N GLN A 243 10.77 20.83 1.85
CA GLN A 243 12.06 21.51 1.60
C GLN A 243 13.01 20.46 1.01
N GLY A 244 12.83 19.23 1.48
CA GLY A 244 13.57 18.04 1.08
C GLY A 244 13.10 16.82 1.86
N PHE A 245 13.65 15.65 1.52
CA PHE A 245 13.33 14.38 2.17
C PHE A 245 14.50 13.40 2.10
N GLU A 246 14.45 12.33 2.90
CA GLU A 246 15.51 11.33 2.97
C GLU A 246 14.90 9.96 3.23
N VAL A 247 15.22 8.99 2.39
CA VAL A 247 14.71 7.63 2.53
C VAL A 247 15.87 6.69 2.81
N THR A 248 16.00 6.26 4.06
CA THR A 248 17.09 5.38 4.50
C THR A 248 16.56 3.99 4.90
N GLY A 249 17.47 3.02 5.03
CA GLY A 249 17.14 1.70 5.56
C GLY A 249 17.17 1.79 7.08
N ARG A 250 17.20 0.66 7.78
CA ARG A 250 17.29 0.61 9.24
C ARG A 250 18.62 1.31 9.69
N PRO A 251 18.68 2.06 10.82
CA PRO A 251 19.94 2.73 11.19
C PRO A 251 21.08 1.83 11.68
N LYS A 252 20.79 0.68 12.31
CA LYS A 252 21.78 -0.28 12.84
C LYS A 252 22.70 0.32 13.93
N HIS A 253 22.12 0.51 15.14
CA HIS A 253 22.80 1.01 16.33
C HIS A 253 23.32 -0.21 17.09
N LEU A 254 24.50 -0.72 16.67
CA LEU A 254 25.19 -1.91 17.19
C LEU A 254 25.27 -2.00 18.72
N TYR A 255 25.52 -0.89 19.41
CA TYR A 255 25.54 -0.93 20.88
C TYR A 255 24.15 -1.13 21.44
N SER A 256 23.16 -0.36 20.95
CA SER A 256 21.76 -0.46 21.37
C SER A 256 21.09 -1.76 20.87
N ILE A 257 21.75 -2.49 19.94
CA ILE A 257 21.30 -3.75 19.38
C ILE A 257 21.85 -4.88 20.26
N TRP A 258 23.09 -4.73 20.71
CA TRP A 258 23.73 -5.72 21.59
C TRP A 258 23.24 -5.58 23.03
N LYS A 259 22.90 -4.34 23.44
CA LYS A 259 22.33 -3.95 24.73
C LYS A 259 20.99 -4.67 24.93
N LYS A 260 20.13 -4.65 23.87
CA LYS A 260 18.80 -5.26 23.80
C LYS A 260 18.87 -6.79 23.81
N MET A 261 19.89 -7.39 23.16
CA MET A 261 20.09 -8.83 23.10
C MET A 261 20.27 -9.46 24.50
N GLU A 262 20.98 -8.73 25.40
CA GLU A 262 21.24 -9.12 26.79
CA GLU A 262 21.24 -9.15 26.78
C GLU A 262 19.99 -8.97 27.64
N ARG A 263 19.32 -7.78 27.53
CA ARG A 263 18.09 -7.38 28.26
C ARG A 263 16.92 -8.29 27.89
N GLU A 264 16.52 -8.25 26.60
CA GLU A 264 15.39 -9.03 26.08
C GLU A 264 15.64 -10.56 25.97
N GLY A 265 16.91 -10.99 26.01
CA GLY A 265 17.31 -12.39 25.87
C GLY A 265 17.01 -12.92 24.48
N LYS A 266 16.98 -11.99 23.50
CA LYS A 266 16.68 -12.21 22.10
C LYS A 266 17.93 -12.49 21.25
N THR A 267 17.73 -13.16 20.10
CA THR A 267 18.77 -13.45 19.11
C THR A 267 18.82 -12.21 18.21
N LEU A 268 19.89 -12.01 17.40
CA LEU A 268 19.99 -10.84 16.49
C LEU A 268 19.06 -11.03 15.30
N GLU A 269 18.78 -12.31 14.97
CA GLU A 269 17.88 -12.76 13.90
C GLU A 269 16.45 -12.34 14.23
N GLN A 270 16.12 -12.26 15.52
CA GLN A 270 14.82 -11.85 16.07
C GLN A 270 14.59 -10.32 15.95
N ILE A 271 15.68 -9.51 15.90
CA ILE A 271 15.63 -8.05 15.81
C ILE A 271 15.31 -7.64 14.36
N TYR A 272 16.10 -8.18 13.42
CA TYR A 272 16.00 -7.96 11.98
C TYR A 272 14.87 -8.80 11.35
N ASP A 273 13.93 -9.31 12.19
CA ASP A 273 12.77 -10.14 11.82
C ASP A 273 11.75 -9.46 10.91
N LEU A 274 12.04 -8.20 10.55
CA LEU A 274 11.17 -7.38 9.65
C LEU A 274 11.99 -6.26 9.00
N LEU A 275 12.09 -6.28 7.68
CA LEU A 275 12.82 -5.28 6.87
C LEU A 275 12.22 -3.90 7.14
N ALA A 276 13.03 -2.89 7.41
CA ALA A 276 12.52 -1.57 7.72
C ALA A 276 13.11 -0.46 6.87
N VAL A 277 12.33 0.60 6.70
CA VAL A 277 12.69 1.78 5.93
C VAL A 277 12.22 3.03 6.71
N ARG A 278 13.07 4.09 6.73
CA ARG A 278 12.76 5.36 7.39
C ARG A 278 12.60 6.47 6.34
N VAL A 279 11.62 7.37 6.54
CA VAL A 279 11.37 8.53 5.67
C VAL A 279 11.48 9.78 6.55
N ILE A 280 12.54 10.52 6.38
CA ILE A 280 12.77 11.75 7.15
C ILE A 280 12.40 12.89 6.24
N LEU A 281 11.43 13.70 6.65
CA LEU A 281 10.95 14.79 5.81
C LEU A 281 11.27 16.14 6.40
N ASP A 282 11.90 17.01 5.64
CA ASP A 282 12.21 18.35 6.12
C ASP A 282 11.15 19.26 5.49
N PRO A 283 10.08 19.72 6.18
CA PRO A 283 9.09 20.56 5.48
C PRO A 283 9.61 21.95 5.20
N LYS A 284 8.92 22.67 4.28
CA LYS A 284 9.23 24.05 3.94
C LYS A 284 8.96 24.90 5.20
N PRO A 285 9.74 25.97 5.49
CA PRO A 285 9.49 26.75 6.72
C PRO A 285 8.17 27.50 6.71
N ALA A 286 7.58 27.68 7.89
CA ALA A 286 6.31 28.36 8.07
C ALA A 286 6.50 29.62 8.94
N PRO A 287 5.75 30.69 8.67
CA PRO A 287 5.90 31.92 9.48
C PRO A 287 5.74 31.75 10.99
N THR A 288 4.66 31.12 11.45
CA THR A 288 4.42 30.93 12.89
C THR A 288 4.69 29.50 13.34
N ARG A 289 4.85 29.32 14.68
CA ARG A 289 5.12 28.05 15.39
C ARG A 289 4.00 27.03 15.16
N GLU A 290 2.73 27.47 15.12
CA GLU A 290 1.57 26.59 14.94
C GLU A 290 1.38 26.13 13.51
N SER A 291 1.51 27.05 12.51
CA SER A 291 1.37 26.77 11.08
C SER A 291 2.47 25.87 10.59
N GLN A 292 3.49 25.66 11.46
CA GLN A 292 4.64 24.78 11.24
C GLN A 292 4.30 23.40 11.72
N ALA A 293 3.67 23.29 12.90
CA ALA A 293 3.27 22.04 13.52
C ALA A 293 2.20 21.40 12.71
N LEU A 294 1.34 22.20 12.09
CA LEU A 294 0.25 21.72 11.24
C LEU A 294 0.84 21.17 9.96
N ARG A 295 1.85 21.90 9.38
CA ARG A 295 2.55 21.51 8.15
C ARG A 295 3.36 20.24 8.37
N GLU A 296 3.95 20.13 9.57
CA GLU A 296 4.78 19.05 10.01
C GLU A 296 4.04 17.72 10.02
N LYS A 297 2.74 17.74 10.39
CA LYS A 297 1.93 16.55 10.48
C LYS A 297 1.24 16.24 9.16
N GLN A 298 0.66 17.27 8.49
CA GLN A 298 -0.02 17.14 7.20
C GLN A 298 0.79 16.33 6.25
N VAL A 299 2.12 16.65 6.19
CA VAL A 299 3.14 16.00 5.36
C VAL A 299 3.27 14.50 5.69
N CYS A 300 3.28 14.15 6.97
CA CYS A 300 3.46 12.78 7.42
C CYS A 300 2.34 11.85 7.05
N TYR A 301 1.06 12.28 7.16
CA TYR A 301 -0.06 11.41 6.78
C TYR A 301 -0.16 11.34 5.26
N HIS A 302 0.24 12.43 4.56
CA HIS A 302 0.27 12.49 3.11
C HIS A 302 1.19 11.39 2.57
N VAL A 303 2.36 11.18 3.23
CA VAL A 303 3.30 10.13 2.87
C VAL A 303 2.67 8.75 3.14
N LEU A 304 2.05 8.56 4.32
CA LEU A 304 1.34 7.33 4.69
C LEU A 304 0.36 6.91 3.56
N GLY A 305 -0.35 7.87 2.98
CA GLY A 305 -1.26 7.63 1.87
C GLY A 305 -0.53 7.15 0.62
N LEU A 306 0.53 7.86 0.26
CA LEU A 306 1.41 7.56 -0.88
C LEU A 306 2.00 6.15 -0.75
N VAL A 307 2.44 5.79 0.49
CA VAL A 307 3.01 4.51 0.87
C VAL A 307 1.97 3.42 0.68
N HIS A 308 0.74 3.65 1.17
CA HIS A 308 -0.37 2.71 1.07
C HIS A 308 -0.87 2.57 -0.36
N ALA A 309 -0.65 3.57 -1.21
CA ALA A 309 -1.04 3.51 -2.61
C ALA A 309 -0.03 2.66 -3.39
N LEU A 310 1.26 2.70 -2.96
CA LEU A 310 2.41 2.01 -3.52
C LEU A 310 2.47 0.51 -3.11
N TRP A 311 2.43 0.25 -1.80
CA TRP A 311 2.48 -1.09 -1.23
C TRP A 311 1.23 -1.41 -0.36
N GLN A 312 0.73 -2.66 -0.44
CA GLN A 312 -0.47 -3.14 0.29
C GLN A 312 -0.34 -3.11 1.83
N PRO A 313 -1.19 -2.34 2.54
CA PRO A 313 -1.05 -2.28 4.00
C PRO A 313 -1.60 -3.49 4.75
N ILE A 314 -0.79 -4.03 5.70
CA ILE A 314 -1.16 -5.19 6.54
C ILE A 314 -2.14 -4.74 7.62
N PRO A 315 -3.34 -5.37 7.68
CA PRO A 315 -4.36 -4.95 8.65
C PRO A 315 -3.89 -4.72 10.09
N GLY A 316 -4.22 -3.53 10.57
CA GLY A 316 -3.93 -3.05 11.91
C GLY A 316 -2.46 -3.03 12.29
N ARG A 317 -1.65 -2.37 11.43
CA ARG A 317 -0.20 -2.23 11.62
C ARG A 317 0.21 -0.77 11.57
N VAL A 318 -0.80 0.13 11.59
CA VAL A 318 -0.57 1.56 11.63
C VAL A 318 -0.39 1.95 13.09
N LYS A 319 0.80 2.47 13.39
CA LYS A 319 1.16 2.94 14.71
C LYS A 319 1.35 4.46 14.60
N ASP A 320 0.38 5.23 15.09
CA ASP A 320 0.45 6.68 15.03
C ASP A 320 0.99 7.22 16.34
N TYR A 321 2.28 7.60 16.33
CA TYR A 321 2.96 8.19 17.47
C TYR A 321 3.04 9.69 17.32
N ILE A 322 2.51 10.23 16.23
CA ILE A 322 2.41 11.68 16.06
C ILE A 322 1.24 12.08 17.01
N ALA A 323 0.07 11.42 16.86
CA ALA A 323 -1.12 11.61 17.68
C ALA A 323 -0.97 11.13 19.13
N VAL A 324 -0.25 10.02 19.35
CA VAL A 324 0.03 9.43 20.67
C VAL A 324 1.57 9.26 20.86
N PRO A 325 2.27 10.36 21.19
CA PRO A 325 3.72 10.26 21.36
C PRO A 325 4.11 9.45 22.57
N LYS A 326 5.25 8.74 22.47
CA LYS A 326 5.85 7.92 23.52
C LYS A 326 6.16 8.81 24.73
N PRO A 327 6.35 8.30 25.97
CA PRO A 327 6.56 9.20 27.11
C PRO A 327 7.79 10.11 26.97
N ASN A 328 8.81 9.63 26.20
CA ASN A 328 10.02 10.41 25.88
C ASN A 328 9.77 11.40 24.74
N GLY A 329 8.51 11.59 24.37
CA GLY A 329 8.09 12.51 23.33
C GLY A 329 8.24 12.04 21.90
N TYR A 330 8.59 10.74 21.68
CA TYR A 330 8.78 10.16 20.34
C TYR A 330 7.51 10.26 19.46
N GLN A 331 7.69 10.92 18.31
CA GLN A 331 6.67 11.10 17.30
C GLN A 331 7.15 10.44 16.01
N SER A 332 6.23 9.75 15.30
CA SER A 332 6.44 9.07 14.03
C SER A 332 5.20 8.25 13.67
N LEU A 333 4.99 8.03 12.39
CA LEU A 333 3.90 7.22 11.85
C LEU A 333 4.53 5.91 11.38
N HIS A 334 3.95 4.76 11.73
CA HIS A 334 4.50 3.46 11.32
C HIS A 334 3.47 2.69 10.60
N THR A 335 3.89 1.92 9.59
CA THR A 335 2.99 1.04 8.86
C THR A 335 3.77 -0.10 8.27
N THR A 336 3.30 -1.33 8.51
CA THR A 336 3.87 -2.53 7.95
C THR A 336 2.99 -2.83 6.76
N VAL A 337 3.63 -2.95 5.60
CA VAL A 337 3.04 -3.13 4.27
C VAL A 337 3.58 -4.41 3.64
N ILE A 338 3.00 -4.82 2.50
CA ILE A 338 3.43 -5.97 1.73
C ILE A 338 4.09 -5.35 0.53
N ALA A 339 5.43 -5.30 0.52
CA ALA A 339 6.18 -4.68 -0.54
C ALA A 339 6.79 -5.67 -1.55
N LEU A 340 8.07 -5.50 -1.86
CA LEU A 340 8.79 -6.33 -2.87
C LEU A 340 8.74 -7.82 -2.53
N GLU A 341 8.66 -8.66 -3.57
CA GLU A 341 8.66 -10.11 -3.50
C GLU A 341 7.59 -10.67 -2.51
N GLY A 342 6.57 -9.84 -2.16
CA GLY A 342 5.47 -10.16 -1.23
C GLY A 342 5.93 -10.23 0.22
N LEU A 343 6.76 -9.26 0.62
CA LEU A 343 7.42 -9.25 1.91
C LEU A 343 6.99 -8.16 2.83
N PRO A 344 6.84 -8.49 4.12
CA PRO A 344 6.44 -7.48 5.10
C PRO A 344 7.57 -6.47 5.29
N LEU A 345 7.28 -5.22 4.89
CA LEU A 345 8.19 -4.10 4.99
C LEU A 345 7.62 -3.08 5.93
N GLU A 346 8.38 -2.65 6.96
CA GLU A 346 7.93 -1.61 7.87
C GLU A 346 8.41 -0.28 7.38
N VAL A 347 7.51 0.69 7.32
CA VAL A 347 7.83 2.05 6.93
C VAL A 347 7.64 2.96 8.14
N GLN A 348 8.57 3.87 8.38
CA GLN A 348 8.51 4.83 9.47
C GLN A 348 8.57 6.23 8.87
N ILE A 349 7.47 7.01 9.01
CA ILE A 349 7.38 8.36 8.48
C ILE A 349 7.52 9.39 9.59
N ARG A 350 8.53 10.26 9.51
CA ARG A 350 8.74 11.32 10.51
C ARG A 350 9.37 12.56 9.89
N THR A 351 9.34 13.71 10.59
CA THR A 351 10.00 14.92 10.11
C THR A 351 11.42 14.97 10.72
N ARG A 352 12.24 16.02 10.40
CA ARG A 352 13.60 16.14 10.94
C ARG A 352 13.48 16.35 12.46
N GLU A 353 12.53 17.23 12.87
CA GLU A 353 12.25 17.60 14.25
C GLU A 353 11.95 16.38 15.12
N MET A 354 11.00 15.54 14.67
CA MET A 354 10.58 14.28 15.31
C MET A 354 11.76 13.28 15.40
N HIS A 355 11.62 12.22 16.25
CA HIS A 355 12.68 11.22 16.41
C HIS A 355 12.13 9.81 16.33
N GLY B 8 -58.52 21.92 -10.53
CA GLY B 8 -57.48 21.43 -11.41
C GLY B 8 -56.75 20.23 -10.84
N LEU B 9 -57.22 19.02 -11.20
CA LEU B 9 -56.67 17.74 -10.74
C LEU B 9 -55.29 17.44 -11.34
N TRP B 10 -55.06 17.82 -12.62
CA TRP B 10 -53.79 17.65 -13.33
C TRP B 10 -52.77 18.70 -12.87
N ASN B 11 -53.28 19.89 -12.46
CA ASN B 11 -52.50 21.03 -11.96
C ASN B 11 -51.65 20.69 -10.73
N ARG B 12 -51.96 19.54 -10.10
CA ARG B 12 -51.28 18.99 -8.93
C ARG B 12 -49.86 18.49 -9.27
N LEU B 13 -49.60 18.14 -10.54
CA LEU B 13 -48.31 17.62 -11.03
C LEU B 13 -47.40 18.70 -11.64
N GLU B 14 -47.95 19.91 -11.92
CA GLU B 14 -47.28 21.08 -12.54
C GLU B 14 -45.89 21.44 -11.95
N PRO B 15 -45.65 21.57 -10.62
CA PRO B 15 -44.29 21.93 -10.15
C PRO B 15 -43.22 20.85 -10.34
N ALA B 16 -43.64 19.57 -10.37
CA ALA B 16 -42.72 18.44 -10.56
C ALA B 16 -42.22 18.33 -12.00
N LEU B 17 -43.03 18.79 -12.98
CA LEU B 17 -42.70 18.78 -14.42
C LEU B 17 -42.06 20.11 -14.89
N ALA B 18 -41.25 20.73 -14.00
CA ALA B 18 -40.51 21.96 -14.26
C ALA B 18 -39.29 21.68 -15.14
N TYR B 19 -38.77 20.44 -15.10
CA TYR B 19 -37.61 20.00 -15.87
C TYR B 19 -37.90 19.69 -17.36
N LEU B 20 -39.19 19.75 -17.77
CA LEU B 20 -39.62 19.46 -19.15
C LEU B 20 -39.82 20.70 -20.04
N ALA B 21 -39.37 20.61 -21.31
CA ALA B 21 -39.47 21.67 -22.32
C ALA B 21 -40.95 21.93 -22.71
N PRO B 22 -41.35 23.15 -23.20
CA PRO B 22 -42.77 23.40 -23.52
C PRO B 22 -43.46 22.43 -24.50
N GLU B 23 -42.72 21.76 -25.40
CA GLU B 23 -43.31 20.78 -26.33
C GLU B 23 -43.56 19.43 -25.62
N GLU B 24 -42.73 19.13 -24.60
CA GLU B 24 -42.80 17.94 -23.75
C GLU B 24 -43.89 18.11 -22.67
N ARG B 25 -43.99 19.33 -22.09
CA ARG B 25 -44.95 19.72 -21.06
C ARG B 25 -46.39 19.69 -21.58
N ALA B 26 -46.61 20.13 -22.84
CA ALA B 26 -47.92 20.13 -23.50
C ALA B 26 -48.33 18.70 -23.88
N LYS B 27 -47.32 17.84 -24.15
CA LYS B 27 -47.49 16.42 -24.51
C LYS B 27 -48.02 15.60 -23.33
N VAL B 28 -47.47 15.81 -22.11
CA VAL B 28 -47.89 15.11 -20.88
C VAL B 28 -49.28 15.61 -20.42
N ARG B 29 -49.61 16.88 -20.74
CA ARG B 29 -50.90 17.51 -20.45
C ARG B 29 -51.96 16.85 -21.33
N GLU B 30 -51.59 16.51 -22.59
CA GLU B 30 -52.42 15.82 -23.56
C GLU B 30 -52.49 14.31 -23.24
N ALA B 31 -51.44 13.77 -22.57
CA ALA B 31 -51.35 12.38 -22.13
C ALA B 31 -52.28 12.13 -20.95
N TYR B 32 -52.49 13.15 -20.11
CA TYR B 32 -53.38 13.13 -18.93
C TYR B 32 -54.82 12.89 -19.37
N ARG B 33 -55.24 13.52 -20.49
CA ARG B 33 -56.59 13.42 -21.05
C ARG B 33 -56.98 11.98 -21.39
N PHE B 34 -56.07 11.22 -22.01
CA PHE B 34 -56.31 9.81 -22.33
C PHE B 34 -56.27 8.98 -21.05
N ALA B 35 -55.41 9.34 -20.09
CA ALA B 35 -55.26 8.68 -18.79
C ALA B 35 -56.54 8.79 -17.95
N GLU B 36 -57.20 9.98 -17.98
CA GLU B 36 -58.45 10.23 -17.26
C GLU B 36 -59.64 9.56 -17.96
N GLU B 37 -59.69 9.63 -19.31
CA GLU B 37 -60.77 9.06 -20.13
C GLU B 37 -60.86 7.54 -20.07
N ALA B 38 -59.70 6.84 -20.03
CA ALA B 38 -59.64 5.38 -19.97
C ALA B 38 -60.10 4.85 -18.60
N HIS B 39 -59.65 5.50 -17.51
CA HIS B 39 -60.00 5.14 -16.13
C HIS B 39 -61.17 6.00 -15.58
N ARG B 40 -62.08 6.48 -16.47
CA ARG B 40 -63.23 7.29 -16.08
C ARG B 40 -64.28 6.41 -15.40
N GLY B 41 -64.39 6.57 -14.08
CA GLY B 41 -65.29 5.80 -13.23
C GLY B 41 -64.61 4.64 -12.53
N GLN B 42 -63.43 4.22 -13.04
CA GLN B 42 -62.65 3.12 -12.50
C GLN B 42 -61.93 3.52 -11.22
N LEU B 43 -62.08 2.70 -10.17
CA LEU B 43 -61.46 2.93 -8.87
C LEU B 43 -60.60 1.76 -8.41
N ARG B 44 -59.53 2.09 -7.67
CA ARG B 44 -58.54 1.15 -7.13
C ARG B 44 -59.08 0.39 -5.92
N ARG B 45 -58.34 -0.65 -5.44
CA ARG B 45 -58.72 -1.48 -4.29
C ARG B 45 -58.96 -0.62 -3.06
N SER B 46 -58.13 0.43 -2.89
CA SER B 46 -58.21 1.43 -1.83
C SER B 46 -59.48 2.28 -2.05
N GLY B 47 -59.72 3.25 -1.17
CA GLY B 47 -60.86 4.15 -1.29
C GLY B 47 -60.75 5.11 -2.47
N GLU B 48 -59.50 5.44 -2.87
CA GLU B 48 -59.12 6.35 -3.95
C GLU B 48 -59.41 5.81 -5.36
N PRO B 49 -59.73 6.69 -6.36
CA PRO B 49 -59.97 6.20 -7.73
C PRO B 49 -58.67 5.83 -8.46
N TYR B 50 -58.75 5.05 -9.57
CA TYR B 50 -57.56 4.61 -10.34
C TYR B 50 -56.77 5.77 -10.93
N ILE B 51 -57.48 6.84 -11.34
CA ILE B 51 -56.96 8.10 -11.93
C ILE B 51 -55.86 8.78 -11.06
N THR B 52 -55.61 8.26 -9.84
CA THR B 52 -54.60 8.77 -8.92
C THR B 52 -53.35 7.90 -8.91
N HIS B 53 -53.50 6.58 -9.19
CA HIS B 53 -52.39 5.64 -9.21
C HIS B 53 -51.33 5.93 -10.30
N PRO B 54 -51.67 6.06 -11.63
CA PRO B 54 -50.60 6.31 -12.63
C PRO B 54 -50.00 7.70 -12.56
N VAL B 55 -50.78 8.70 -12.08
CA VAL B 55 -50.33 10.08 -11.89
C VAL B 55 -49.31 10.13 -10.73
N ALA B 56 -49.50 9.24 -9.74
CA ALA B 56 -48.60 9.09 -8.60
C ALA B 56 -47.33 8.41 -9.07
N VAL B 57 -47.45 7.46 -10.04
CA VAL B 57 -46.31 6.77 -10.66
C VAL B 57 -45.58 7.80 -11.57
N ALA B 58 -46.33 8.79 -12.10
CA ALA B 58 -45.80 9.89 -12.91
C ALA B 58 -45.00 10.85 -12.02
N GLU B 59 -45.49 11.08 -10.76
CA GLU B 59 -44.86 11.92 -9.74
C GLU B 59 -43.51 11.36 -9.27
N ILE B 60 -43.34 10.01 -9.31
CA ILE B 60 -42.10 9.31 -8.96
C ILE B 60 -41.09 9.54 -10.10
N LEU B 61 -41.52 9.27 -11.35
CA LEU B 61 -40.73 9.41 -12.57
C LEU B 61 -40.36 10.88 -12.90
N ALA B 62 -41.12 11.87 -12.38
CA ALA B 62 -40.83 13.29 -12.57
C ALA B 62 -39.60 13.68 -11.75
N GLY B 63 -39.52 13.15 -10.52
CA GLY B 63 -38.41 13.35 -9.61
C GLY B 63 -37.14 12.64 -10.05
N LEU B 64 -37.31 11.49 -10.75
CA LEU B 64 -36.21 10.66 -11.28
C LEU B 64 -35.52 11.27 -12.52
N GLN B 65 -35.81 12.56 -12.81
CA GLN B 65 -35.31 13.40 -13.91
C GLN B 65 -35.17 12.61 -15.25
N MET B 66 -36.28 12.00 -15.68
CA MET B 66 -36.24 11.19 -16.92
C MET B 66 -37.11 11.79 -18.03
N ASP B 67 -36.85 11.34 -19.26
CA ASP B 67 -37.49 11.73 -20.53
C ASP B 67 -39.02 11.71 -20.51
N ALA B 68 -39.63 12.65 -21.27
CA ALA B 68 -41.08 12.83 -21.39
C ALA B 68 -41.80 11.56 -21.87
N ASP B 69 -41.14 10.77 -22.74
CA ASP B 69 -41.70 9.51 -23.25
C ASP B 69 -41.91 8.50 -22.12
N THR B 70 -40.95 8.41 -21.16
CA THR B 70 -41.03 7.51 -20.01
C THR B 70 -42.09 7.96 -19.00
N VAL B 71 -42.16 9.28 -18.74
CA VAL B 71 -43.12 9.88 -17.80
C VAL B 71 -44.56 9.65 -18.29
N ALA B 72 -44.84 9.91 -19.59
CA ALA B 72 -46.16 9.73 -20.18
C ALA B 72 -46.58 8.25 -20.32
N ALA B 73 -45.58 7.34 -20.45
CA ALA B 73 -45.78 5.89 -20.55
C ALA B 73 -46.26 5.30 -19.23
N GLY B 74 -45.70 5.81 -18.13
CA GLY B 74 -46.04 5.44 -16.77
C GLY B 74 -47.47 5.78 -16.40
N LEU B 75 -48.10 6.67 -17.18
CA LEU B 75 -49.49 7.11 -17.03
C LEU B 75 -50.43 6.18 -17.81
N LEU B 76 -49.87 5.38 -18.76
CA LEU B 76 -50.61 4.43 -19.58
C LEU B 76 -50.09 2.99 -19.44
N HIS B 77 -49.50 2.65 -18.26
CA HIS B 77 -48.98 1.32 -17.98
C HIS B 77 -50.09 0.28 -17.80
N ASP B 78 -51.30 0.73 -17.38
CA ASP B 78 -52.46 -0.13 -17.16
C ASP B 78 -53.59 0.10 -18.18
N THR B 79 -53.21 0.32 -19.46
CA THR B 79 -54.17 0.51 -20.56
C THR B 79 -54.40 -0.80 -21.33
N LEU B 80 -53.58 -1.84 -21.07
CA LEU B 80 -53.71 -3.17 -21.68
C LEU B 80 -54.17 -4.17 -20.61
N GLU B 81 -53.63 -4.02 -19.37
CA GLU B 81 -53.98 -4.85 -18.21
C GLU B 81 -55.33 -4.44 -17.59
N ASP B 82 -56.00 -3.42 -18.18
CA ASP B 82 -57.31 -2.89 -17.78
C ASP B 82 -57.96 -2.14 -18.97
N CYS B 83 -59.29 -1.94 -18.92
CA CYS B 83 -60.13 -1.24 -19.91
C CYS B 83 -60.13 -1.93 -21.31
N GLY B 84 -59.86 -1.14 -22.36
CA GLY B 84 -59.87 -1.59 -23.77
C GLY B 84 -58.84 -2.65 -24.09
N VAL B 85 -57.68 -2.60 -23.43
CA VAL B 85 -56.51 -3.54 -23.57
C VAL B 85 -55.71 -3.31 -24.86
N ALA B 86 -56.35 -3.33 -26.04
CA ALA B 86 -55.64 -3.16 -27.34
C ALA B 86 -54.94 -1.79 -27.37
N PRO B 87 -53.71 -1.70 -27.93
CA PRO B 87 -52.95 -0.45 -27.96
C PRO B 87 -53.12 0.42 -29.22
N GLU B 88 -53.89 -0.03 -30.21
CA GLU B 88 -54.11 0.75 -31.43
C GLU B 88 -54.43 2.25 -31.21
N GLU B 89 -55.11 2.56 -30.09
CA GLU B 89 -55.50 3.92 -29.71
C GLU B 89 -54.32 4.82 -29.31
N LEU B 90 -53.22 4.23 -28.85
CA LEU B 90 -52.08 5.09 -28.41
C LEU B 90 -50.77 4.59 -29.04
N GLU B 91 -50.90 3.72 -30.05
CA GLU B 91 -49.72 3.16 -30.76
C GLU B 91 -48.85 4.36 -31.16
N ARG B 92 -49.38 5.21 -32.03
CA ARG B 92 -48.73 6.46 -32.46
C ARG B 92 -49.62 7.65 -32.09
N ARG B 93 -50.71 7.38 -31.35
CA ARG B 93 -51.70 8.44 -30.99
C ARG B 93 -51.03 9.53 -30.13
N PHE B 94 -50.22 9.14 -29.14
CA PHE B 94 -49.56 10.17 -28.29
C PHE B 94 -48.11 10.37 -28.74
N GLY B 95 -47.41 9.26 -28.95
CA GLY B 95 -46.00 9.28 -29.41
C GLY B 95 -45.64 7.97 -30.07
N PRO B 96 -44.58 7.88 -30.90
CA PRO B 96 -44.20 6.62 -31.52
C PRO B 96 -43.90 5.59 -30.42
N THR B 97 -43.21 6.04 -29.38
CA THR B 97 -42.81 5.21 -28.20
C THR B 97 -44.04 4.55 -27.58
N VAL B 98 -43.91 3.29 -27.18
CA VAL B 98 -45.04 2.54 -26.55
C VAL B 98 -44.47 1.62 -25.48
N ARG B 99 -44.40 2.10 -24.24
CA ARG B 99 -43.87 1.30 -23.14
C ARG B 99 -44.94 0.33 -22.65
N ARG B 100 -44.69 -0.98 -22.85
CA ARG B 100 -45.59 -2.04 -22.44
C ARG B 100 -44.91 -2.92 -21.39
N ILE B 101 -45.36 -2.76 -20.12
CA ILE B 101 -44.89 -3.46 -18.92
C ILE B 101 -45.77 -4.68 -18.61
N VAL B 102 -46.87 -4.86 -19.39
CA VAL B 102 -47.85 -5.96 -19.29
C VAL B 102 -47.15 -7.32 -19.63
N GLU B 103 -46.02 -7.29 -20.40
CA GLU B 103 -45.18 -8.46 -20.71
C GLU B 103 -44.47 -8.92 -19.41
N GLY B 104 -44.11 -7.95 -18.58
CA GLY B 104 -43.44 -8.17 -17.29
C GLY B 104 -44.39 -8.37 -16.13
N GLU B 105 -45.62 -7.80 -16.22
CA GLU B 105 -46.68 -7.86 -15.20
C GLU B 105 -47.40 -9.22 -15.19
N THR B 106 -47.58 -9.85 -16.37
CA THR B 106 -48.25 -11.15 -16.52
C THR B 106 -47.40 -12.28 -15.92
N LYS B 107 -46.06 -12.18 -16.02
CA LYS B 107 -45.10 -13.15 -15.49
C LYS B 107 -45.07 -13.21 -13.95
N VAL B 108 -45.32 -12.06 -13.27
CA VAL B 108 -45.38 -11.85 -11.81
C VAL B 108 -44.00 -12.18 -11.16
N MET B 130 -37.32 -14.59 -11.90
CA MET B 130 -36.38 -14.28 -12.98
C MET B 130 -35.07 -15.03 -12.80
N PHE B 131 -34.98 -16.20 -13.47
CA PHE B 131 -33.82 -17.08 -13.43
C PHE B 131 -32.67 -16.55 -14.28
N ILE B 132 -33.00 -15.73 -15.31
CA ILE B 132 -32.04 -15.09 -16.21
C ILE B 132 -31.70 -13.70 -15.68
N ALA B 133 -30.45 -13.55 -15.19
CA ALA B 133 -29.92 -12.31 -14.63
C ALA B 133 -29.84 -11.22 -15.71
N MET B 134 -30.22 -9.97 -15.33
CA MET B 134 -30.27 -8.80 -16.19
C MET B 134 -31.26 -9.00 -17.36
N ALA B 135 -30.75 -9.09 -18.63
CA ALA B 135 -31.53 -9.30 -19.86
C ALA B 135 -32.82 -8.44 -19.93
N GLU B 136 -32.71 -7.17 -19.51
CA GLU B 136 -33.90 -6.29 -19.52
C GLU B 136 -33.60 -5.03 -20.34
N ASP B 137 -34.52 -4.65 -21.24
CA ASP B 137 -34.34 -3.42 -22.06
C ASP B 137 -34.44 -2.20 -21.14
N VAL B 138 -33.52 -1.24 -21.29
CA VAL B 138 -33.46 -0.01 -20.45
C VAL B 138 -34.58 0.97 -20.84
N ARG B 139 -34.87 1.92 -19.92
CA ARG B 139 -35.88 3.01 -20.03
C ARG B 139 -37.31 2.47 -19.89
N ILE B 140 -37.47 1.24 -19.39
CA ILE B 140 -38.83 0.66 -19.16
C ILE B 140 -38.83 0.04 -17.75
N ILE B 141 -37.93 -0.91 -17.53
CA ILE B 141 -37.73 -1.58 -16.25
C ILE B 141 -37.82 -0.61 -15.07
N ILE B 142 -37.42 0.67 -15.28
CA ILE B 142 -37.50 1.75 -14.29
C ILE B 142 -38.98 2.13 -14.09
N VAL B 143 -39.74 2.13 -15.19
CA VAL B 143 -41.17 2.44 -15.23
C VAL B 143 -41.96 1.43 -14.36
N LYS B 144 -41.63 0.13 -14.47
CA LYS B 144 -42.27 -0.92 -13.66
C LYS B 144 -41.80 -0.88 -12.19
N LEU B 145 -40.52 -0.54 -11.95
CA LEU B 145 -39.89 -0.43 -10.62
C LEU B 145 -40.46 0.73 -9.79
N ALA B 146 -40.95 1.79 -10.47
CA ALA B 146 -41.60 2.96 -9.85
C ALA B 146 -43.08 2.63 -9.58
N ASP B 147 -43.68 1.75 -10.41
CA ASP B 147 -45.05 1.24 -10.29
C ASP B 147 -45.10 0.30 -9.09
N ARG B 148 -44.06 -0.59 -8.95
CA ARG B 148 -43.92 -1.54 -7.84
C ARG B 148 -43.69 -0.79 -6.52
N LEU B 149 -42.94 0.34 -6.57
CA LEU B 149 -42.69 1.19 -5.40
C LEU B 149 -44.00 1.84 -4.91
N HIS B 150 -44.86 2.33 -5.83
CA HIS B 150 -46.12 2.94 -5.44
C HIS B 150 -47.13 1.94 -4.88
N ASN B 151 -47.09 0.68 -5.39
CA ASN B 151 -47.96 -0.37 -4.89
C ASN B 151 -47.62 -0.68 -3.41
N LEU B 152 -46.31 -0.62 -3.05
CA LEU B 152 -45.79 -0.80 -1.69
C LEU B 152 -46.14 0.40 -0.79
N ARG B 153 -46.24 1.60 -1.39
CA ARG B 153 -46.63 2.84 -0.70
C ARG B 153 -48.10 2.80 -0.29
N THR B 154 -48.92 1.98 -1.00
CA THR B 154 -50.36 1.76 -0.75
C THR B 154 -50.67 0.29 -0.33
N LEU B 155 -49.63 -0.49 0.06
CA LEU B 155 -49.79 -1.91 0.41
C LEU B 155 -50.59 -2.18 1.70
N GLU B 156 -51.09 -1.13 2.37
CA GLU B 156 -51.92 -1.24 3.56
C GLU B 156 -53.37 -1.69 3.20
N HIS B 157 -53.71 -1.64 1.88
CA HIS B 157 -55.00 -2.04 1.31
C HIS B 157 -54.83 -3.39 0.58
N MET B 158 -54.12 -4.36 1.22
CA MET B 158 -53.86 -5.69 0.65
C MET B 158 -54.01 -6.78 1.72
N PRO B 159 -54.52 -8.00 1.36
CA PRO B 159 -54.59 -9.10 2.36
C PRO B 159 -53.19 -9.53 2.83
N PRO B 160 -53.03 -10.08 4.08
CA PRO B 160 -51.68 -10.44 4.57
C PRO B 160 -50.84 -11.33 3.66
N GLU B 161 -51.49 -12.22 2.88
CA GLU B 161 -50.80 -13.13 1.95
C GLU B 161 -50.26 -12.41 0.71
N LYS B 162 -50.96 -11.36 0.22
CA LYS B 162 -50.50 -10.56 -0.93
C LYS B 162 -49.42 -9.60 -0.48
N GLN B 163 -49.50 -9.16 0.79
CA GLN B 163 -48.53 -8.27 1.42
C GLN B 163 -47.14 -8.94 1.49
N LYS B 164 -47.11 -10.28 1.70
CA LYS B 164 -45.89 -11.10 1.82
C LYS B 164 -45.45 -11.75 0.48
N ARG B 165 -46.31 -11.68 -0.55
CA ARG B 165 -46.07 -12.22 -1.90
C ARG B 165 -45.34 -11.17 -2.75
N ILE B 166 -45.88 -9.92 -2.75
CA ILE B 166 -45.36 -8.75 -3.45
C ILE B 166 -43.99 -8.37 -2.85
N ALA B 167 -43.87 -8.46 -1.51
CA ALA B 167 -42.65 -8.18 -0.74
C ALA B 167 -41.54 -9.20 -1.03
N GLN B 168 -41.91 -10.49 -1.23
CA GLN B 168 -40.99 -11.58 -1.55
C GLN B 168 -40.46 -11.37 -2.97
N GLU B 169 -41.36 -11.04 -3.91
CA GLU B 169 -41.11 -10.77 -5.32
C GLU B 169 -40.26 -9.51 -5.55
N THR B 170 -40.40 -8.49 -4.67
CA THR B 170 -39.64 -7.22 -4.76
C THR B 170 -38.15 -7.45 -4.44
N LEU B 171 -37.84 -7.79 -3.17
CA LEU B 171 -36.48 -8.05 -2.67
C LEU B 171 -35.70 -9.08 -3.50
N GLU B 172 -36.40 -10.08 -4.09
CA GLU B 172 -35.83 -11.16 -4.89
C GLU B 172 -35.57 -10.77 -6.36
N ILE B 173 -36.50 -10.03 -7.00
CA ILE B 173 -36.40 -9.70 -8.41
C ILE B 173 -36.23 -8.21 -8.67
N TYR B 174 -37.19 -7.37 -8.20
CA TYR B 174 -37.21 -5.92 -8.41
C TYR B 174 -36.01 -5.19 -7.83
N ALA B 175 -35.74 -5.37 -6.52
CA ALA B 175 -34.62 -4.73 -5.81
C ALA B 175 -33.23 -5.04 -6.40
N PRO B 176 -32.84 -6.31 -6.75
CA PRO B 176 -31.51 -6.52 -7.36
C PRO B 176 -31.39 -5.88 -8.74
N LEU B 177 -32.52 -5.81 -9.49
CA LEU B 177 -32.63 -5.18 -10.81
C LEU B 177 -32.51 -3.64 -10.71
N ALA B 178 -32.84 -3.05 -9.55
CA ALA B 178 -32.74 -1.60 -9.30
C ALA B 178 -31.32 -1.21 -8.87
N HIS B 179 -30.52 -2.22 -8.43
CA HIS B 179 -29.13 -2.07 -8.01
C HIS B 179 -28.20 -1.92 -9.22
N ARG B 180 -28.54 -2.62 -10.33
CA ARG B 180 -27.81 -2.53 -11.59
C ARG B 180 -27.87 -1.06 -12.04
N LEU B 181 -29.07 -0.45 -11.98
CA LEU B 181 -29.32 0.95 -12.32
C LEU B 181 -28.71 1.93 -11.29
N GLY B 182 -28.44 1.44 -10.09
CA GLY B 182 -27.84 2.19 -9.00
C GLY B 182 -28.58 3.44 -8.57
N MET B 183 -29.86 3.29 -8.16
CA MET B 183 -30.64 4.43 -7.67
C MET B 183 -30.17 4.78 -6.26
N GLY B 184 -30.31 3.84 -5.32
CA GLY B 184 -29.87 4.01 -3.93
C GLY B 184 -30.92 4.54 -2.98
N GLN B 185 -31.89 5.32 -3.50
CA GLN B 185 -33.00 5.90 -2.73
C GLN B 185 -34.25 5.01 -2.84
N LEU B 186 -34.60 4.63 -4.08
CA LEU B 186 -35.70 3.73 -4.39
C LEU B 186 -35.28 2.34 -3.97
N LYS B 187 -34.00 1.97 -4.24
CA LYS B 187 -33.41 0.69 -3.89
C LYS B 187 -33.63 0.39 -2.42
N TRP B 188 -33.24 1.35 -1.54
CA TRP B 188 -33.41 1.28 -0.09
C TRP B 188 -34.89 1.35 0.32
N GLU B 189 -35.72 2.15 -0.42
CA GLU B 189 -37.16 2.28 -0.13
C GLU B 189 -37.89 0.96 -0.36
N LEU B 190 -37.52 0.22 -1.41
CA LEU B 190 -38.09 -1.09 -1.73
C LEU B 190 -37.72 -2.06 -0.62
N GLU B 191 -36.41 -2.08 -0.27
CA GLU B 191 -35.81 -2.93 0.76
C GLU B 191 -36.48 -2.80 2.12
N ASP B 192 -36.65 -1.55 2.62
CA ASP B 192 -37.21 -1.23 3.94
C ASP B 192 -38.76 -1.10 3.95
N LEU B 193 -39.42 -1.38 2.80
CA LEU B 193 -40.88 -1.39 2.64
C LEU B 193 -41.31 -2.83 2.50
N SER B 194 -40.63 -3.60 1.63
CA SER B 194 -40.91 -5.03 1.44
C SER B 194 -40.61 -5.83 2.72
N PHE B 195 -39.48 -5.53 3.40
CA PHE B 195 -39.05 -6.18 4.65
C PHE B 195 -40.09 -6.02 5.74
N ARG B 196 -40.70 -4.81 5.84
CA ARG B 196 -41.72 -4.38 6.81
C ARG B 196 -42.97 -5.25 6.78
N TYR B 197 -43.44 -5.61 5.55
CA TYR B 197 -44.63 -6.41 5.23
C TYR B 197 -44.36 -7.90 5.26
N LEU B 198 -43.18 -8.31 4.78
CA LEU B 198 -42.75 -9.70 4.75
C LEU B 198 -42.38 -10.24 6.14
N HIS B 199 -41.53 -9.51 6.92
CA HIS B 199 -41.09 -9.92 8.27
C HIS B 199 -41.49 -8.83 9.25
N PRO B 200 -42.78 -8.77 9.66
CA PRO B 200 -43.20 -7.68 10.54
C PRO B 200 -42.72 -7.78 11.99
N GLU B 201 -42.70 -8.99 12.59
CA GLU B 201 -42.26 -9.19 13.99
C GLU B 201 -40.77 -8.90 14.21
N ALA B 202 -39.97 -9.03 13.12
CA ALA B 202 -38.52 -8.78 13.07
C ALA B 202 -38.27 -7.29 12.99
N PHE B 203 -39.03 -6.60 12.12
CA PHE B 203 -38.99 -5.15 11.91
C PHE B 203 -39.39 -4.46 13.21
N ALA B 204 -40.42 -4.99 13.90
CA ALA B 204 -40.93 -4.48 15.18
C ALA B 204 -39.86 -4.49 16.27
N SER B 205 -39.12 -5.62 16.42
CA SER B 205 -38.06 -5.76 17.43
C SER B 205 -36.70 -5.21 16.94
N LEU B 206 -36.59 -4.84 15.66
CA LEU B 206 -35.35 -4.25 15.13
C LEU B 206 -35.46 -2.74 15.28
N SER B 207 -36.50 -2.15 14.65
CA SER B 207 -36.80 -0.72 14.63
C SER B 207 -36.83 -0.15 16.02
N ALA B 208 -37.45 -0.87 16.98
CA ALA B 208 -37.55 -0.47 18.40
C ALA B 208 -36.18 -0.42 19.06
N ARG B 209 -35.30 -1.37 18.74
CA ARG B 209 -33.94 -1.43 19.29
C ARG B 209 -33.06 -0.33 18.69
N ILE B 210 -33.13 -0.12 17.34
CA ILE B 210 -32.35 0.93 16.67
C ILE B 210 -32.81 2.31 17.12
N GLN B 211 -34.14 2.51 17.31
CA GLN B 211 -34.69 3.80 17.76
C GLN B 211 -34.16 4.06 19.13
N ALA B 212 -34.22 3.05 20.04
CA ALA B 212 -33.71 3.12 21.41
C ALA B 212 -32.25 3.62 21.43
N THR B 213 -31.38 2.91 20.71
CA THR B 213 -29.94 3.25 20.63
C THR B 213 -29.76 4.58 19.89
N GLN B 214 -30.67 4.87 18.95
CA GLN B 214 -30.60 6.13 18.16
C GLN B 214 -30.75 7.33 19.10
N GLU B 215 -31.64 7.22 20.09
CA GLU B 215 -31.89 8.33 21.06
C GLU B 215 -30.97 8.16 22.27
N ALA B 216 -30.51 6.93 22.53
CA ALA B 216 -29.64 6.66 23.67
C ALA B 216 -28.32 7.41 23.56
N ARG B 217 -27.73 7.38 22.34
CA ARG B 217 -26.42 7.96 22.02
C ARG B 217 -26.47 9.21 21.10
N GLU B 218 -27.68 9.75 20.80
CA GLU B 218 -27.81 10.93 19.95
C GLU B 218 -27.22 12.19 20.58
N ARG B 219 -27.06 12.24 21.91
CA ARG B 219 -26.43 13.35 22.62
C ARG B 219 -24.95 13.46 22.18
N LEU B 220 -24.19 12.39 22.44
CA LEU B 220 -22.78 12.24 22.16
C LEU B 220 -22.53 12.19 20.68
N ILE B 221 -23.38 11.48 19.90
CA ILE B 221 -23.19 11.40 18.46
C ILE B 221 -23.35 12.77 17.80
N GLN B 222 -24.35 13.59 18.22
CA GLN B 222 -24.52 14.93 17.64
C GLN B 222 -23.47 15.92 18.11
N LYS B 223 -22.87 15.64 19.29
CA LYS B 223 -21.79 16.44 19.89
C LYS B 223 -20.54 16.25 19.03
N ALA B 224 -20.17 14.96 18.76
CA ALA B 224 -19.06 14.51 17.94
C ALA B 224 -19.15 15.06 16.52
N ILE B 225 -20.37 15.10 15.95
CA ILE B 225 -20.62 15.62 14.60
C ILE B 225 -20.21 17.10 14.51
N HIS B 226 -20.74 17.95 15.42
CA HIS B 226 -20.48 19.38 15.51
C HIS B 226 -18.98 19.69 15.63
N LEU B 227 -18.27 18.90 16.47
CA LEU B 227 -16.82 19.03 16.70
C LEU B 227 -16.03 18.78 15.43
N LEU B 228 -16.26 17.61 14.80
CA LEU B 228 -15.60 17.21 13.57
C LEU B 228 -15.83 18.21 12.45
N GLN B 229 -17.10 18.70 12.31
CA GLN B 229 -17.53 19.68 11.31
C GLN B 229 -16.67 20.94 11.42
N GLU B 230 -16.53 21.48 12.64
CA GLU B 230 -15.74 22.67 12.94
C GLU B 230 -14.29 22.52 12.54
N THR B 231 -13.63 21.46 13.03
CA THR B 231 -12.22 21.15 12.80
C THR B 231 -11.90 20.95 11.29
N LEU B 232 -12.78 20.22 10.56
CA LEU B 232 -12.65 20.00 9.11
C LEU B 232 -12.85 21.29 8.31
N ALA B 233 -13.61 22.24 8.83
CA ALA B 233 -13.82 23.52 8.17
C ALA B 233 -12.68 24.49 8.51
N ARG B 234 -12.20 24.47 9.79
CA ARG B 234 -11.09 25.31 10.28
C ARG B 234 -9.79 25.09 9.48
N ASP B 235 -9.61 23.88 8.87
CA ASP B 235 -8.41 23.54 8.10
C ASP B 235 -8.44 24.02 6.65
N GLU B 236 -7.62 25.06 6.40
CA GLU B 236 -7.42 25.76 5.14
C GLU B 236 -6.94 24.87 4.02
N LEU B 237 -5.94 23.99 4.29
CA LEU B 237 -5.48 23.06 3.26
C LEU B 237 -6.58 22.08 2.84
N LEU B 238 -7.37 21.54 3.79
CA LEU B 238 -8.44 20.63 3.40
C LEU B 238 -9.44 21.35 2.49
N GLN B 239 -9.91 22.52 2.92
CA GLN B 239 -10.88 23.33 2.20
C GLN B 239 -10.40 23.82 0.83
N SER B 240 -9.08 23.98 0.64
CA SER B 240 -8.52 24.39 -0.64
C SER B 240 -8.53 23.25 -1.65
N GLN B 241 -8.89 22.04 -1.18
CA GLN B 241 -8.97 20.79 -1.95
C GLN B 241 -10.41 20.24 -1.99
N LEU B 242 -11.36 20.97 -1.35
CA LEU B 242 -12.74 20.51 -1.19
C LEU B 242 -13.86 21.45 -1.69
N GLN B 243 -14.76 20.88 -2.55
CA GLN B 243 -16.01 21.48 -3.04
C GLN B 243 -16.97 21.63 -1.81
N GLY B 244 -16.87 20.67 -0.90
CA GLY B 244 -17.66 20.57 0.31
C GLY B 244 -17.54 19.22 0.99
N PHE B 245 -18.18 19.09 2.17
CA PHE B 245 -18.14 17.88 2.99
C PHE B 245 -19.43 17.71 3.84
N GLU B 246 -19.70 16.46 4.24
CA GLU B 246 -20.83 16.13 5.10
C GLU B 246 -20.33 15.23 6.22
N VAL B 247 -20.84 15.42 7.44
CA VAL B 247 -20.51 14.60 8.61
C VAL B 247 -21.85 14.09 9.17
N THR B 248 -22.09 12.76 9.04
CA THR B 248 -23.33 12.13 9.50
C THR B 248 -23.04 10.92 10.40
N GLY B 249 -23.99 9.99 10.47
CA GLY B 249 -23.85 8.77 11.27
C GLY B 249 -24.25 7.52 10.54
N ARG B 250 -24.43 6.43 11.31
CA ARG B 250 -24.87 5.10 10.88
C ARG B 250 -26.14 5.24 9.97
N PRO B 251 -26.09 4.97 8.64
CA PRO B 251 -27.32 5.06 7.83
C PRO B 251 -28.27 3.92 8.18
N LYS B 252 -29.53 4.27 8.48
CA LYS B 252 -30.60 3.36 8.88
C LYS B 252 -31.23 2.57 7.69
N HIS B 253 -30.55 1.47 7.27
CA HIS B 253 -31.01 0.63 6.17
C HIS B 253 -31.34 -0.77 6.71
N LEU B 254 -32.47 -0.86 7.45
CA LEU B 254 -32.99 -2.05 8.15
C LEU B 254 -32.89 -3.37 7.37
N TYR B 255 -33.15 -3.36 6.05
CA TYR B 255 -33.05 -4.59 5.28
C TYR B 255 -31.61 -5.07 5.16
N SER B 256 -30.71 -4.22 4.64
CA SER B 256 -29.29 -4.55 4.50
C SER B 256 -28.60 -4.81 5.85
N ILE B 257 -29.15 -4.25 6.96
CA ILE B 257 -28.67 -4.44 8.33
C ILE B 257 -29.02 -5.90 8.73
N TRP B 258 -30.22 -6.36 8.30
CA TRP B 258 -30.72 -7.72 8.53
C TRP B 258 -29.97 -8.73 7.65
N LYS B 259 -29.39 -8.25 6.53
CA LYS B 259 -28.62 -9.02 5.55
C LYS B 259 -27.17 -9.24 6.04
N LYS B 260 -26.62 -8.28 6.82
CA LYS B 260 -25.28 -8.35 7.44
C LYS B 260 -25.30 -9.45 8.52
N MET B 261 -26.42 -9.53 9.25
CA MET B 261 -26.71 -10.53 10.29
C MET B 261 -26.79 -11.95 9.69
N GLU B 262 -27.21 -12.07 8.40
CA GLU B 262 -27.31 -13.33 7.65
C GLU B 262 -25.92 -13.82 7.23
N ARG B 263 -24.94 -12.89 7.14
CA ARG B 263 -23.55 -13.16 6.78
C ARG B 263 -22.69 -13.40 8.02
N GLU B 264 -22.54 -12.38 8.89
CA GLU B 264 -21.78 -12.51 10.14
C GLU B 264 -22.73 -12.99 11.28
N GLY B 265 -22.45 -12.57 12.52
CA GLY B 265 -23.29 -12.94 13.67
C GLY B 265 -24.60 -12.19 13.61
N LYS B 266 -25.72 -12.86 13.90
CA LYS B 266 -27.06 -12.20 13.83
C LYS B 266 -27.31 -11.42 15.12
N THR B 267 -26.63 -10.28 15.28
CA THR B 267 -26.82 -9.43 16.48
C THR B 267 -26.69 -7.96 16.08
N LEU B 268 -27.81 -7.27 15.97
CA LEU B 268 -27.82 -5.85 15.61
C LEU B 268 -26.90 -5.11 16.58
N GLU B 269 -26.96 -5.49 17.87
CA GLU B 269 -26.21 -4.92 18.99
C GLU B 269 -24.71 -5.12 18.87
N GLN B 270 -24.29 -6.16 18.11
CA GLN B 270 -22.89 -6.43 17.82
C GLN B 270 -22.48 -5.56 16.64
N ILE B 271 -23.35 -5.47 15.60
CA ILE B 271 -23.17 -4.63 14.41
C ILE B 271 -22.93 -3.18 14.84
N TYR B 272 -23.82 -2.63 15.65
CA TYR B 272 -23.67 -1.27 16.14
C TYR B 272 -23.09 -1.29 17.56
N ASP B 273 -21.94 -1.96 17.71
CA ASP B 273 -21.27 -2.09 19.02
C ASP B 273 -20.73 -0.72 19.46
N LEU B 274 -20.08 0.01 18.55
CA LEU B 274 -19.54 1.33 18.90
C LEU B 274 -20.29 2.52 18.31
N LEU B 275 -20.15 3.70 18.97
CA LEU B 275 -20.69 4.95 18.46
C LEU B 275 -19.88 5.23 17.20
N ALA B 276 -20.55 5.54 16.11
CA ALA B 276 -19.84 5.77 14.88
C ALA B 276 -20.30 7.05 14.20
N VAL B 277 -19.44 7.58 13.31
CA VAL B 277 -19.68 8.79 12.54
C VAL B 277 -19.11 8.63 11.10
N ARG B 278 -19.81 9.19 10.10
CA ARG B 278 -19.38 9.10 8.71
C ARG B 278 -19.00 10.47 8.11
N VAL B 279 -17.79 10.57 7.55
CA VAL B 279 -17.26 11.78 6.91
C VAL B 279 -17.15 11.59 5.38
N ILE B 280 -18.11 12.19 4.66
CA ILE B 280 -18.16 12.16 3.17
C ILE B 280 -17.55 13.47 2.65
N LEU B 281 -16.60 13.37 1.71
CA LEU B 281 -15.92 14.58 1.17
C LEU B 281 -16.12 14.69 -0.34
N ASP B 282 -16.47 15.89 -0.80
CA ASP B 282 -16.66 16.22 -2.20
C ASP B 282 -15.44 17.02 -2.65
N PRO B 283 -14.40 16.37 -3.24
CA PRO B 283 -13.21 17.16 -3.62
C PRO B 283 -13.44 18.11 -4.78
N LYS B 284 -12.64 19.20 -4.84
CA LYS B 284 -12.70 20.18 -5.92
C LYS B 284 -12.29 19.49 -7.26
N PRO B 285 -12.90 19.85 -8.42
CA PRO B 285 -12.53 19.17 -9.68
C PRO B 285 -11.12 19.52 -10.21
N ALA B 286 -10.42 18.47 -10.68
CA ALA B 286 -9.06 18.60 -11.24
C ALA B 286 -9.10 18.27 -12.74
N PRO B 287 -8.16 18.78 -13.56
CA PRO B 287 -8.17 18.54 -15.01
C PRO B 287 -7.98 17.10 -15.50
N THR B 288 -7.05 16.35 -14.91
CA THR B 288 -6.75 14.97 -15.39
C THR B 288 -7.38 13.93 -14.48
N ARG B 289 -7.90 12.84 -15.05
CA ARG B 289 -8.51 11.80 -14.22
C ARG B 289 -7.42 11.18 -13.33
N GLU B 290 -6.13 11.41 -13.70
CA GLU B 290 -4.94 10.99 -12.95
C GLU B 290 -4.86 11.85 -11.69
N SER B 291 -4.94 13.19 -11.84
CA SER B 291 -4.93 14.18 -10.75
C SER B 291 -6.23 14.14 -9.94
N GLN B 292 -7.33 13.67 -10.55
CA GLN B 292 -8.62 13.54 -9.89
C GLN B 292 -8.60 12.35 -8.96
N ALA B 293 -8.05 11.20 -9.42
CA ALA B 293 -7.94 9.95 -8.64
C ALA B 293 -7.02 10.17 -7.43
N LEU B 294 -5.91 10.91 -7.67
CA LEU B 294 -4.93 11.30 -6.67
C LEU B 294 -5.65 12.07 -5.57
N ARG B 295 -6.27 13.22 -5.94
CA ARG B 295 -6.98 14.12 -5.04
C ARG B 295 -8.02 13.44 -4.20
N GLU B 296 -8.64 12.38 -4.74
CA GLU B 296 -9.67 11.59 -4.06
C GLU B 296 -9.05 10.89 -2.86
N LYS B 297 -7.86 10.34 -3.02
CA LYS B 297 -7.15 9.68 -1.94
C LYS B 297 -6.48 10.72 -0.99
N GLN B 298 -5.74 11.73 -1.58
CA GLN B 298 -5.07 12.87 -0.89
C GLN B 298 -5.92 13.37 0.32
N VAL B 299 -7.17 13.80 0.03
CA VAL B 299 -8.14 14.41 0.95
C VAL B 299 -8.56 13.50 2.10
N CYS B 300 -8.58 12.17 1.88
CA CYS B 300 -9.05 11.17 2.85
C CYS B 300 -8.03 10.85 3.88
N TYR B 301 -6.74 10.86 3.50
CA TYR B 301 -5.70 10.59 4.47
C TYR B 301 -5.45 11.82 5.27
N HIS B 302 -5.71 13.02 4.69
CA HIS B 302 -5.56 14.31 5.37
C HIS B 302 -6.51 14.39 6.57
N VAL B 303 -7.75 13.93 6.37
CA VAL B 303 -8.79 13.92 7.44
C VAL B 303 -8.41 12.89 8.50
N LEU B 304 -7.81 11.77 8.11
CA LEU B 304 -7.43 10.74 9.08
C LEU B 304 -6.50 11.40 10.13
N GLY B 305 -5.54 12.16 9.61
CA GLY B 305 -4.65 12.96 10.42
C GLY B 305 -5.39 14.00 11.23
N LEU B 306 -6.38 14.69 10.61
CA LEU B 306 -7.15 15.70 11.32
C LEU B 306 -7.95 15.11 12.51
N VAL B 307 -8.51 13.91 12.30
CA VAL B 307 -9.30 13.18 13.31
C VAL B 307 -8.38 12.70 14.47
N HIS B 308 -7.20 12.12 14.12
CA HIS B 308 -6.18 11.66 15.06
C HIS B 308 -5.63 12.80 15.92
N ALA B 309 -5.64 14.02 15.35
CA ALA B 309 -5.21 15.27 15.99
C ALA B 309 -6.25 15.69 17.01
N LEU B 310 -7.55 15.61 16.62
CA LEU B 310 -8.67 15.98 17.47
C LEU B 310 -8.87 15.00 18.64
N TRP B 311 -9.03 13.71 18.33
CA TRP B 311 -9.26 12.64 19.28
C TRP B 311 -8.16 11.61 19.18
N GLN B 312 -7.69 11.11 20.34
CA GLN B 312 -6.61 10.13 20.34
C GLN B 312 -7.06 8.78 19.78
N PRO B 313 -6.23 8.15 18.91
CA PRO B 313 -6.63 6.86 18.33
C PRO B 313 -6.33 5.65 19.20
N ILE B 314 -7.15 4.63 19.04
CA ILE B 314 -6.97 3.36 19.72
C ILE B 314 -6.06 2.50 18.83
N PRO B 315 -4.88 2.09 19.34
CA PRO B 315 -3.97 1.24 18.55
C PRO B 315 -4.61 0.12 17.76
N GLY B 316 -4.22 0.05 16.48
CA GLY B 316 -4.62 -0.95 15.49
C GLY B 316 -6.06 -0.87 15.00
N ARG B 317 -6.70 0.30 15.17
CA ARG B 317 -8.09 0.47 14.78
C ARG B 317 -8.25 1.15 13.42
N VAL B 318 -7.13 1.56 12.78
CA VAL B 318 -7.15 2.13 11.44
C VAL B 318 -7.39 0.97 10.48
N LYS B 319 -8.44 1.07 9.67
CA LYS B 319 -8.76 0.06 8.67
C LYS B 319 -8.71 0.79 7.32
N ASP B 320 -7.75 0.44 6.45
CA ASP B 320 -7.67 1.13 5.18
C ASP B 320 -8.30 0.33 4.05
N TYR B 321 -9.60 0.59 3.78
CA TYR B 321 -10.33 -0.06 2.70
C TYR B 321 -10.21 0.72 1.41
N ILE B 322 -9.37 1.79 1.38
CA ILE B 322 -9.13 2.59 0.18
C ILE B 322 -8.10 1.82 -0.65
N ALA B 323 -7.00 1.43 0.01
CA ALA B 323 -5.90 0.68 -0.58
C ALA B 323 -6.31 -0.77 -0.80
N VAL B 324 -7.07 -1.35 0.16
CA VAL B 324 -7.57 -2.72 0.08
C VAL B 324 -9.12 -2.64 0.06
N PRO B 325 -9.78 -2.41 -1.12
CA PRO B 325 -11.25 -2.29 -1.10
C PRO B 325 -11.97 -3.58 -0.71
N LYS B 326 -13.15 -3.42 -0.11
CA LYS B 326 -14.04 -4.50 0.38
C LYS B 326 -14.49 -5.47 -0.76
N PRO B 327 -15.09 -6.66 -0.49
CA PRO B 327 -15.48 -7.56 -1.59
C PRO B 327 -16.10 -6.84 -2.78
N ASN B 328 -17.16 -6.05 -2.50
CA ASN B 328 -17.93 -5.23 -3.45
C ASN B 328 -17.11 -4.13 -4.16
N GLY B 329 -15.99 -3.73 -3.55
CA GLY B 329 -15.12 -2.68 -4.07
C GLY B 329 -15.34 -1.35 -3.37
N TYR B 330 -15.86 -1.42 -2.12
CA TYR B 330 -16.13 -0.31 -1.21
C TYR B 330 -14.79 0.35 -0.79
N GLN B 331 -14.65 1.67 -1.00
CA GLN B 331 -13.42 2.36 -0.59
C GLN B 331 -13.69 3.36 0.53
N SER B 332 -12.97 3.21 1.64
CA SER B 332 -13.09 4.08 2.81
C SER B 332 -11.94 3.85 3.76
N LEU B 333 -11.64 4.87 4.56
CA LEU B 333 -10.60 4.83 5.58
C LEU B 333 -11.30 4.80 6.92
N HIS B 334 -10.91 3.90 7.82
CA HIS B 334 -11.56 3.75 9.11
C HIS B 334 -10.63 4.00 10.23
N THR B 335 -11.17 4.29 11.40
CA THR B 335 -10.35 4.49 12.58
C THR B 335 -11.20 4.64 13.84
N THR B 336 -10.81 3.91 14.87
CA THR B 336 -11.46 4.04 16.16
C THR B 336 -10.53 4.87 17.03
N VAL B 337 -11.09 5.96 17.55
CA VAL B 337 -10.45 6.91 18.44
C VAL B 337 -11.26 6.96 19.73
N ILE B 338 -10.67 7.50 20.80
CA ILE B 338 -11.45 7.69 22.07
C ILE B 338 -11.97 9.12 22.01
N ALA B 339 -13.27 9.30 21.76
CA ALA B 339 -13.83 10.65 21.55
C ALA B 339 -14.36 11.24 22.86
N LEU B 340 -15.69 11.37 22.95
CA LEU B 340 -16.32 12.01 24.14
C LEU B 340 -16.60 11.00 25.24
N GLU B 341 -16.51 11.47 26.49
CA GLU B 341 -16.77 10.73 27.73
C GLU B 341 -15.91 9.46 27.87
N GLY B 342 -14.70 9.48 27.31
CA GLY B 342 -13.75 8.37 27.28
C GLY B 342 -14.22 7.16 26.50
N LEU B 343 -15.28 7.34 25.68
CA LEU B 343 -15.92 6.30 24.89
C LEU B 343 -15.35 6.16 23.48
N PRO B 344 -15.32 4.92 22.92
CA PRO B 344 -14.82 4.75 21.56
C PRO B 344 -15.76 5.31 20.48
N LEU B 345 -15.15 5.82 19.39
CA LEU B 345 -15.87 6.38 18.28
C LEU B 345 -15.24 5.94 17.00
N GLU B 346 -16.02 5.24 16.16
CA GLU B 346 -15.59 4.78 14.84
C GLU B 346 -15.84 5.91 13.86
N VAL B 347 -14.85 6.18 12.98
CA VAL B 347 -14.92 7.23 11.95
C VAL B 347 -14.55 6.67 10.57
N GLN B 348 -15.51 6.71 9.63
CA GLN B 348 -15.34 6.31 8.24
C GLN B 348 -15.13 7.58 7.44
N ILE B 349 -14.05 7.64 6.67
CA ILE B 349 -13.72 8.80 5.83
C ILE B 349 -13.83 8.32 4.40
N ARG B 350 -14.58 9.02 3.55
CA ARG B 350 -14.69 8.63 2.14
C ARG B 350 -15.04 9.79 1.22
N THR B 351 -14.72 9.71 -0.09
CA THR B 351 -15.18 10.77 -0.99
C THR B 351 -16.58 10.39 -1.42
N ARG B 352 -17.32 11.35 -2.00
CA ARG B 352 -18.69 11.10 -2.45
C ARG B 352 -18.73 9.94 -3.46
N GLU B 353 -17.73 9.84 -4.38
CA GLU B 353 -17.66 8.80 -5.40
C GLU B 353 -16.98 7.47 -4.93
N MET B 354 -17.27 7.02 -3.68
CA MET B 354 -16.72 5.74 -3.15
C MET B 354 -17.83 4.79 -2.68
N ALA C 1 13.00 -47.84 4.74
CA ALA C 1 12.24 -49.01 4.23
C ALA C 1 12.49 -49.19 2.72
N SER C 2 11.43 -49.17 1.92
CA SER C 2 11.56 -49.33 0.44
C SER C 2 10.29 -48.82 -0.24
N VAL C 3 10.45 -47.94 -1.24
CA VAL C 3 9.31 -47.36 -1.99
C VAL C 3 8.42 -48.47 -2.65
N GLY C 4 7.11 -48.20 -2.66
CA GLY C 4 6.08 -49.07 -3.22
C GLY C 4 6.14 -49.18 -4.72
N ALA C 5 5.83 -48.07 -5.45
CA ALA C 5 5.88 -48.04 -6.91
C ALA C 5 6.90 -47.04 -7.44
N ASP C 6 7.77 -47.47 -8.38
CA ASP C 6 8.81 -46.64 -9.01
C ASP C 6 8.22 -45.96 -10.24
N LEU C 7 7.82 -44.73 -10.05
CA LEU C 7 7.21 -43.94 -11.09
C LEU C 7 8.21 -43.00 -11.77
N GLY C 8 9.47 -43.09 -11.32
CA GLY C 8 10.57 -42.29 -11.83
C GLY C 8 10.41 -40.81 -11.55
N LEU C 9 9.60 -40.49 -10.54
CA LEU C 9 9.33 -39.11 -10.16
C LEU C 9 10.52 -38.50 -9.45
N TRP C 10 11.21 -39.27 -8.58
CA TRP C 10 12.36 -38.73 -7.90
C TRP C 10 13.55 -38.40 -8.85
N ASN C 11 13.75 -39.25 -9.88
CA ASN C 11 14.79 -39.04 -10.89
C ASN C 11 14.43 -37.90 -11.85
N ARG C 12 13.26 -37.31 -11.65
CA ARG C 12 12.74 -36.20 -12.43
C ARG C 12 12.73 -34.94 -11.55
N LEU C 13 12.72 -35.10 -10.21
CA LEU C 13 12.74 -33.97 -9.29
C LEU C 13 14.18 -33.63 -8.83
N GLU C 14 15.03 -34.66 -8.51
CA GLU C 14 16.45 -34.55 -8.10
C GLU C 14 17.31 -33.63 -9.04
N PRO C 15 17.20 -33.75 -10.42
CA PRO C 15 18.01 -32.90 -11.30
C PRO C 15 17.75 -31.40 -11.14
N ALA C 16 16.51 -31.04 -10.83
CA ALA C 16 16.07 -29.67 -10.65
C ALA C 16 16.25 -29.22 -9.19
N LEU C 17 16.89 -30.05 -8.37
CA LEU C 17 17.07 -29.70 -6.93
C LEU C 17 18.52 -29.29 -6.63
N ALA C 18 19.42 -29.50 -7.60
CA ALA C 18 20.84 -29.17 -7.55
C ALA C 18 21.22 -27.95 -6.69
N TYR C 19 20.53 -26.82 -6.91
CA TYR C 19 20.71 -25.55 -6.20
C TYR C 19 20.68 -25.64 -4.66
N LEU C 20 20.21 -26.80 -4.14
CA LEU C 20 20.10 -27.03 -2.70
C LEU C 20 21.36 -27.63 -2.16
N ALA C 21 21.59 -27.39 -0.86
CA ALA C 21 22.76 -27.89 -0.13
C ALA C 21 22.65 -29.42 0.03
N PRO C 22 23.77 -30.19 0.03
CA PRO C 22 23.68 -31.66 0.19
C PRO C 22 22.68 -32.16 1.25
N GLU C 23 22.69 -31.52 2.43
CA GLU C 23 21.79 -31.84 3.55
C GLU C 23 20.36 -31.34 3.29
N GLU C 24 20.23 -30.21 2.53
CA GLU C 24 18.94 -29.64 2.13
C GLU C 24 18.27 -30.54 1.05
N ARG C 25 19.09 -31.23 0.22
CA ARG C 25 18.70 -32.16 -0.86
C ARG C 25 18.47 -33.59 -0.30
N ALA C 26 18.31 -33.69 1.02
CA ALA C 26 18.06 -34.92 1.75
C ALA C 26 16.76 -34.74 2.52
N LYS C 27 16.50 -33.52 3.02
CA LYS C 27 15.26 -33.17 3.73
C LYS C 27 14.11 -33.28 2.74
N VAL C 28 14.36 -32.87 1.48
CA VAL C 28 13.39 -32.96 0.39
C VAL C 28 13.16 -34.44 0.04
N ARG C 29 14.25 -35.26 -0.05
CA ARG C 29 14.18 -36.71 -0.32
C ARG C 29 13.26 -37.37 0.71
N GLU C 30 13.44 -36.99 1.99
CA GLU C 30 12.68 -37.43 3.16
C GLU C 30 11.21 -37.02 3.03
N ALA C 31 10.96 -35.81 2.48
CA ALA C 31 9.62 -35.27 2.26
C ALA C 31 8.89 -35.98 1.13
N TYR C 32 9.60 -36.30 0.02
CA TYR C 32 9.01 -37.02 -1.09
C TYR C 32 8.58 -38.40 -0.60
N ARG C 33 9.46 -39.06 0.17
CA ARG C 33 9.31 -40.38 0.79
C ARG C 33 8.02 -40.49 1.61
N PHE C 34 7.83 -39.53 2.55
CA PHE C 34 6.68 -39.38 3.44
C PHE C 34 5.41 -39.19 2.61
N ALA C 35 5.42 -38.20 1.68
CA ALA C 35 4.34 -37.84 0.77
C ALA C 35 3.90 -39.00 -0.12
N GLU C 36 4.86 -39.80 -0.65
CA GLU C 36 4.57 -40.95 -1.51
C GLU C 36 3.83 -42.04 -0.77
N GLU C 37 4.29 -42.37 0.44
CA GLU C 37 3.65 -43.37 1.31
C GLU C 37 2.22 -42.91 1.64
N ALA C 38 2.08 -41.64 2.11
CA ALA C 38 0.83 -40.98 2.47
C ALA C 38 -0.20 -40.96 1.35
N HIS C 39 0.25 -40.93 0.09
CA HIS C 39 -0.61 -40.90 -1.09
C HIS C 39 -0.70 -42.25 -1.80
N ARG C 40 -0.11 -43.34 -1.23
CA ARG C 40 -0.14 -44.67 -1.84
C ARG C 40 -1.57 -45.13 -2.15
N GLY C 41 -1.79 -45.58 -3.38
CA GLY C 41 -3.10 -46.03 -3.84
C GLY C 41 -4.07 -44.92 -4.19
N GLN C 42 -3.87 -43.70 -3.61
CA GLN C 42 -4.70 -42.50 -3.86
C GLN C 42 -4.60 -42.10 -5.31
N LEU C 43 -5.74 -41.84 -5.95
CA LEU C 43 -5.71 -41.51 -7.36
C LEU C 43 -6.24 -40.12 -7.68
N ARG C 44 -5.61 -39.46 -8.67
CA ARG C 44 -5.99 -38.14 -9.14
CA ARG C 44 -6.01 -38.13 -9.12
C ARG C 44 -7.18 -38.28 -10.10
N ARG C 45 -7.98 -37.20 -10.26
CA ARG C 45 -9.16 -37.13 -11.13
C ARG C 45 -8.87 -37.66 -12.52
N SER C 46 -7.72 -37.26 -13.10
CA SER C 46 -7.22 -37.68 -14.41
C SER C 46 -6.96 -39.20 -14.49
N GLY C 47 -6.83 -39.85 -13.35
CA GLY C 47 -6.57 -41.28 -13.28
C GLY C 47 -5.11 -41.62 -13.02
N GLU C 48 -4.22 -40.61 -13.07
CA GLU C 48 -2.78 -40.76 -12.80
C GLU C 48 -2.61 -40.91 -11.28
N PRO C 49 -1.65 -41.72 -10.75
CA PRO C 49 -1.47 -41.83 -9.28
C PRO C 49 -1.35 -40.45 -8.64
N TYR C 50 -1.87 -40.28 -7.41
CA TYR C 50 -1.89 -38.96 -6.79
C TYR C 50 -0.52 -38.32 -6.54
N ILE C 51 0.49 -39.09 -6.09
CA ILE C 51 1.84 -38.57 -5.80
C ILE C 51 2.42 -37.68 -6.93
N THR C 52 1.97 -37.88 -8.19
CA THR C 52 2.37 -37.11 -9.38
C THR C 52 2.12 -35.62 -9.14
N HIS C 53 0.92 -35.26 -8.64
CA HIS C 53 0.56 -33.88 -8.33
C HIS C 53 1.56 -33.19 -7.35
N PRO C 54 1.71 -33.64 -6.06
CA PRO C 54 2.66 -32.95 -5.17
C PRO C 54 4.06 -32.85 -5.73
N VAL C 55 4.57 -33.95 -6.36
CA VAL C 55 5.90 -33.99 -6.99
C VAL C 55 5.97 -32.90 -8.08
N ALA C 56 4.95 -32.81 -8.97
CA ALA C 56 4.86 -31.82 -10.05
C ALA C 56 4.91 -30.38 -9.53
N VAL C 57 4.29 -30.15 -8.36
CA VAL C 57 4.24 -28.89 -7.65
C VAL C 57 5.66 -28.57 -7.14
N ALA C 58 6.32 -29.55 -6.48
CA ALA C 58 7.69 -29.38 -5.96
C ALA C 58 8.65 -29.05 -7.08
N GLU C 59 8.37 -29.57 -8.29
CA GLU C 59 9.13 -29.31 -9.50
C GLU C 59 9.01 -27.83 -9.86
N ILE C 60 7.78 -27.25 -9.76
CA ILE C 60 7.53 -25.83 -10.04
C ILE C 60 8.39 -24.98 -9.10
N LEU C 61 8.29 -25.24 -7.77
CA LEU C 61 9.03 -24.58 -6.70
C LEU C 61 10.53 -24.72 -6.90
N ALA C 62 10.99 -25.91 -7.33
CA ALA C 62 12.39 -26.19 -7.64
C ALA C 62 12.88 -25.27 -8.78
N GLY C 63 12.08 -25.13 -9.83
CA GLY C 63 12.35 -24.27 -10.98
C GLY C 63 12.13 -22.78 -10.67
N LEU C 64 11.54 -22.49 -9.50
CA LEU C 64 11.30 -21.14 -9.01
C LEU C 64 12.47 -20.81 -8.06
N GLN C 65 13.34 -21.84 -7.77
CA GLN C 65 14.52 -21.82 -6.88
C GLN C 65 14.09 -21.50 -5.45
N MET C 66 13.20 -22.35 -4.90
CA MET C 66 12.62 -22.15 -3.55
C MET C 66 13.41 -22.77 -2.40
N ASP C 67 13.12 -22.31 -1.17
CA ASP C 67 13.74 -22.79 0.09
C ASP C 67 13.51 -24.29 0.24
N ALA C 68 14.49 -24.98 0.85
CA ALA C 68 14.43 -26.41 1.12
C ALA C 68 13.13 -26.81 1.82
N ASP C 69 12.60 -25.89 2.64
CA ASP C 69 11.36 -26.01 3.40
C ASP C 69 10.12 -25.79 2.52
N THR C 70 10.22 -24.89 1.51
CA THR C 70 9.15 -24.58 0.55
C THR C 70 8.98 -25.72 -0.46
N VAL C 71 10.10 -26.37 -0.86
CA VAL C 71 10.08 -27.49 -1.78
C VAL C 71 9.52 -28.73 -1.03
N ALA C 72 9.98 -28.96 0.22
CA ALA C 72 9.50 -30.03 1.08
C ALA C 72 8.00 -29.87 1.35
N ALA C 73 7.54 -28.60 1.58
CA ALA C 73 6.14 -28.27 1.82
C ALA C 73 5.29 -28.54 0.59
N GLY C 74 5.87 -28.34 -0.59
CA GLY C 74 5.23 -28.57 -1.88
C GLY C 74 4.82 -30.00 -2.09
N LEU C 75 5.64 -30.94 -1.59
CA LEU C 75 5.39 -32.38 -1.66
C LEU C 75 4.42 -32.79 -0.56
N LEU C 76 4.34 -32.03 0.56
CA LEU C 76 3.46 -32.41 1.67
C LEU C 76 2.16 -31.60 1.81
N HIS C 77 1.95 -30.58 0.94
CA HIS C 77 0.81 -29.67 0.94
C HIS C 77 -0.57 -30.36 1.02
N ASP C 78 -0.66 -31.65 0.57
CA ASP C 78 -1.89 -32.45 0.52
C ASP C 78 -1.99 -33.62 1.50
N THR C 79 -0.93 -33.86 2.30
CA THR C 79 -0.87 -34.97 3.25
C THR C 79 -2.01 -34.96 4.29
N LEU C 80 -2.27 -33.80 4.94
CA LEU C 80 -3.30 -33.61 5.98
C LEU C 80 -4.71 -33.97 5.51
N GLU C 81 -5.08 -33.48 4.30
CA GLU C 81 -6.38 -33.67 3.66
C GLU C 81 -6.70 -35.13 3.29
N ASP C 82 -7.53 -35.79 4.15
CA ASP C 82 -8.09 -37.15 4.05
C ASP C 82 -7.09 -38.32 4.32
N CYS C 83 -5.80 -38.08 4.11
CA CYS C 83 -4.79 -39.16 4.35
C CYS C 83 -4.36 -39.13 5.82
N GLY C 84 -5.21 -38.59 6.70
CA GLY C 84 -4.85 -38.53 8.13
C GLY C 84 -3.56 -37.77 8.32
N VAL C 85 -2.58 -38.38 8.99
CA VAL C 85 -1.25 -37.75 9.21
C VAL C 85 -1.42 -36.38 9.87
N ALA C 86 -1.88 -36.35 11.13
CA ALA C 86 -2.05 -35.11 11.93
C ALA C 86 -0.76 -34.26 11.90
N PRO C 87 -0.84 -32.91 11.99
CA PRO C 87 0.33 -32.05 11.82
C PRO C 87 1.54 -32.35 12.72
N GLU C 88 1.31 -32.76 13.97
CA GLU C 88 2.43 -33.03 14.92
C GLU C 88 3.42 -34.00 14.26
N GLU C 89 2.92 -34.88 13.39
CA GLU C 89 3.75 -35.87 12.66
C GLU C 89 4.71 -35.15 11.71
N LEU C 90 4.20 -34.17 10.96
CA LEU C 90 5.01 -33.39 10.00
C LEU C 90 6.03 -32.56 10.75
N GLU C 91 5.56 -31.74 11.74
CA GLU C 91 6.39 -30.87 12.57
C GLU C 91 7.56 -31.62 13.19
N ARG C 92 7.27 -32.84 13.70
CA ARG C 92 8.25 -33.72 14.31
C ARG C 92 9.31 -34.17 13.28
N ARG C 93 8.88 -34.44 12.03
CA ARG C 93 9.75 -34.94 10.96
C ARG C 93 10.46 -33.88 10.09
N PHE C 94 9.84 -32.70 9.89
CA PHE C 94 10.36 -31.69 8.95
C PHE C 94 10.54 -30.23 9.48
N GLY C 95 10.26 -30.00 10.76
CA GLY C 95 10.42 -28.68 11.34
C GLY C 95 9.10 -27.93 11.49
N PRO C 96 9.08 -26.81 12.24
CA PRO C 96 7.81 -26.09 12.42
C PRO C 96 7.41 -25.29 11.18
N THR C 97 8.42 -24.76 10.43
CA THR C 97 8.29 -23.98 9.21
C THR C 97 7.47 -24.76 8.19
N VAL C 98 7.86 -26.02 7.93
CA VAL C 98 7.20 -26.94 6.99
C VAL C 98 5.78 -27.26 7.47
N ARG C 99 5.61 -27.47 8.79
CA ARG C 99 4.30 -27.73 9.38
C ARG C 99 3.39 -26.54 9.07
N ARG C 100 3.81 -25.33 9.50
CA ARG C 100 3.11 -24.07 9.28
C ARG C 100 2.69 -23.82 7.83
N ILE C 101 3.60 -24.04 6.84
CA ILE C 101 3.36 -23.84 5.39
C ILE C 101 2.32 -24.84 4.83
N VAL C 102 2.49 -26.15 5.14
CA VAL C 102 1.59 -27.24 4.70
C VAL C 102 0.22 -26.99 5.31
N GLU C 103 0.20 -26.63 6.61
CA GLU C 103 -0.99 -26.33 7.41
C GLU C 103 -1.64 -25.03 6.94
N GLY C 104 -0.82 -24.14 6.39
CA GLY C 104 -1.27 -22.86 5.86
C GLY C 104 -2.02 -23.06 4.57
N GLU C 105 -1.42 -23.84 3.63
CA GLU C 105 -1.98 -24.19 2.31
C GLU C 105 -3.36 -24.84 2.47
N THR C 106 -3.46 -25.85 3.37
CA THR C 106 -4.72 -26.58 3.67
C THR C 106 -5.78 -25.61 4.26
N LYS C 107 -5.31 -24.59 5.04
CA LYS C 107 -6.15 -23.56 5.64
C LYS C 107 -6.64 -22.58 4.58
N VAL C 108 -5.82 -22.34 3.52
CA VAL C 108 -6.17 -21.39 2.44
C VAL C 108 -6.75 -22.11 1.18
N SER C 109 -7.32 -23.32 1.37
CA SER C 109 -7.95 -24.11 0.30
C SER C 109 -8.95 -25.08 0.89
N GLU C 125 -18.21 -13.03 -1.05
CA GLU C 125 -16.98 -13.80 -0.98
C GLU C 125 -15.80 -12.90 -0.56
N ASP C 126 -15.10 -13.27 0.54
CA ASP C 126 -13.96 -12.52 1.08
C ASP C 126 -12.60 -13.22 0.87
N LEU C 127 -11.61 -12.47 0.30
CA LEU C 127 -10.24 -12.91 0.00
C LEU C 127 -9.26 -12.56 1.13
N ARG C 128 -9.70 -11.71 2.09
CA ARG C 128 -8.98 -11.16 3.26
C ARG C 128 -8.11 -12.16 4.07
N GLN C 129 -8.51 -13.46 4.10
CA GLN C 129 -7.81 -14.54 4.81
C GLN C 129 -6.49 -14.95 4.13
N MET C 130 -6.39 -14.73 2.79
CA MET C 130 -5.20 -15.02 1.98
C MET C 130 -4.04 -14.15 2.45
N PHE C 131 -4.26 -12.83 2.48
CA PHE C 131 -3.30 -11.80 2.91
C PHE C 131 -2.97 -11.96 4.38
N ILE C 132 -3.93 -12.49 5.18
CA ILE C 132 -3.75 -12.78 6.60
C ILE C 132 -2.67 -13.84 6.75
N ALA C 133 -2.69 -14.89 5.87
CA ALA C 133 -1.70 -15.97 5.82
C ALA C 133 -0.38 -15.41 5.33
N MET C 134 -0.35 -14.90 4.08
CA MET C 134 0.73 -14.21 3.37
C MET C 134 1.53 -13.25 4.26
N ALA C 135 0.86 -12.69 5.29
CA ALA C 135 1.42 -11.81 6.32
C ALA C 135 2.60 -12.50 7.00
N GLU C 136 2.41 -13.78 7.36
CA GLU C 136 3.39 -14.67 7.95
C GLU C 136 3.70 -15.76 6.91
N ASP C 137 4.99 -16.09 6.71
CA ASP C 137 5.42 -17.13 5.75
C ASP C 137 4.68 -17.03 4.40
N VAL C 138 5.06 -16.03 3.59
CA VAL C 138 4.53 -15.78 2.24
C VAL C 138 4.49 -17.07 1.41
N ARG C 139 5.39 -18.03 1.73
CA ARG C 139 5.55 -19.36 1.11
C ARG C 139 4.25 -20.18 1.13
N ILE C 140 3.26 -19.80 1.97
CA ILE C 140 1.94 -20.41 2.05
C ILE C 140 1.19 -20.08 0.74
N ILE C 141 1.53 -18.95 0.15
CA ILE C 141 0.93 -18.46 -1.08
C ILE C 141 1.69 -19.06 -2.27
N ILE C 142 3.03 -19.11 -2.19
CA ILE C 142 3.84 -19.69 -3.26
C ILE C 142 3.44 -21.14 -3.50
N VAL C 143 3.30 -21.95 -2.41
CA VAL C 143 2.87 -23.34 -2.55
C VAL C 143 1.43 -23.38 -3.11
N LYS C 144 0.53 -22.42 -2.70
CA LYS C 144 -0.88 -22.34 -3.16
C LYS C 144 -0.95 -22.01 -4.66
N LEU C 145 0.00 -21.16 -5.07
CA LEU C 145 0.17 -20.75 -6.46
C LEU C 145 0.72 -21.91 -7.28
N ALA C 146 1.77 -22.62 -6.76
CA ALA C 146 2.40 -23.76 -7.42
C ALA C 146 1.38 -24.90 -7.55
N ASP C 147 0.50 -25.05 -6.53
CA ASP C 147 -0.59 -26.02 -6.47
C ASP C 147 -1.54 -25.72 -7.63
N ARG C 148 -2.04 -24.46 -7.67
CA ARG C 148 -2.95 -23.94 -8.68
C ARG C 148 -2.43 -24.20 -10.09
N LEU C 149 -1.24 -23.66 -10.42
CA LEU C 149 -0.57 -23.81 -11.71
C LEU C 149 -0.53 -25.26 -12.21
N HIS C 150 -0.37 -26.24 -11.29
CA HIS C 150 -0.35 -27.64 -11.71
C HIS C 150 -1.72 -28.16 -12.01
N ASN C 151 -2.71 -27.81 -11.17
CA ASN C 151 -4.09 -28.25 -11.37
C ASN C 151 -4.61 -27.71 -12.71
N LEU C 152 -4.32 -26.42 -13.02
CA LEU C 152 -4.70 -25.76 -14.28
C LEU C 152 -4.00 -26.39 -15.47
N ARG C 153 -2.72 -26.78 -15.30
CA ARG C 153 -1.91 -27.43 -16.35
C ARG C 153 -2.49 -28.81 -16.72
N THR C 154 -3.20 -29.46 -15.75
CA THR C 154 -3.82 -30.79 -15.87
C THR C 154 -5.38 -30.73 -15.79
N LEU C 155 -5.96 -29.52 -16.02
CA LEU C 155 -7.40 -29.22 -15.93
C LEU C 155 -8.28 -29.85 -16.99
N GLU C 156 -7.69 -30.30 -18.12
CA GLU C 156 -8.41 -30.94 -19.21
C GLU C 156 -9.38 -32.05 -18.75
N HIS C 157 -9.05 -32.74 -17.63
CA HIS C 157 -9.83 -33.84 -17.06
C HIS C 157 -10.85 -33.41 -15.97
N MET C 158 -11.66 -32.37 -16.28
CA MET C 158 -12.67 -31.77 -15.38
C MET C 158 -13.96 -31.31 -16.13
N PRO C 159 -15.16 -31.23 -15.47
CA PRO C 159 -16.37 -30.78 -16.20
C PRO C 159 -16.30 -29.33 -16.70
N PRO C 160 -16.79 -29.03 -17.93
CA PRO C 160 -16.67 -27.68 -18.50
C PRO C 160 -17.12 -26.49 -17.63
N GLU C 161 -17.93 -26.72 -16.58
CA GLU C 161 -18.37 -25.65 -15.68
C GLU C 161 -17.56 -25.60 -14.37
N LYS C 162 -16.87 -26.71 -14.01
CA LYS C 162 -15.98 -26.74 -12.84
C LYS C 162 -14.60 -26.17 -13.24
N GLN C 163 -14.25 -26.29 -14.54
CA GLN C 163 -13.04 -25.74 -15.14
C GLN C 163 -13.15 -24.22 -15.04
N LYS C 164 -14.26 -23.66 -15.59
CA LYS C 164 -14.63 -22.24 -15.60
C LYS C 164 -14.69 -21.66 -14.19
N ARG C 165 -15.05 -22.49 -13.20
CA ARG C 165 -15.17 -22.10 -11.79
C ARG C 165 -13.83 -21.75 -11.14
N ILE C 166 -12.78 -22.55 -11.42
CA ILE C 166 -11.44 -22.31 -10.86
C ILE C 166 -10.63 -21.38 -11.77
N ALA C 167 -10.97 -21.31 -13.07
CA ALA C 167 -10.34 -20.40 -14.02
C ALA C 167 -10.67 -18.93 -13.63
N GLN C 168 -11.94 -18.66 -13.25
CA GLN C 168 -12.39 -17.34 -12.79
C GLN C 168 -11.81 -17.00 -11.41
N GLU C 169 -11.58 -18.04 -10.57
CA GLU C 169 -11.00 -17.92 -9.24
C GLU C 169 -9.53 -17.46 -9.39
N THR C 170 -8.77 -18.14 -10.28
CA THR C 170 -7.36 -17.86 -10.57
C THR C 170 -7.14 -16.43 -11.03
N LEU C 171 -7.85 -16.01 -12.10
CA LEU C 171 -7.75 -14.68 -12.70
C LEU C 171 -8.09 -13.55 -11.74
N GLU C 172 -9.06 -13.79 -10.84
CA GLU C 172 -9.57 -12.83 -9.88
C GLU C 172 -8.75 -12.80 -8.59
N ILE C 173 -8.21 -13.96 -8.16
CA ILE C 173 -7.53 -14.11 -6.87
C ILE C 173 -6.02 -14.46 -6.94
N TYR C 174 -5.66 -15.52 -7.66
CA TYR C 174 -4.31 -16.05 -7.65
C TYR C 174 -3.34 -15.28 -8.56
N ALA C 175 -3.71 -15.01 -9.83
CA ALA C 175 -2.83 -14.24 -10.72
C ALA C 175 -2.48 -12.81 -10.15
N PRO C 176 -3.41 -12.01 -9.55
CA PRO C 176 -2.99 -10.73 -8.95
C PRO C 176 -2.11 -10.87 -7.70
N LEU C 177 -2.04 -12.09 -7.12
CA LEU C 177 -1.20 -12.43 -5.97
C LEU C 177 0.19 -12.84 -6.46
N ALA C 178 0.25 -13.54 -7.61
CA ALA C 178 1.50 -13.97 -8.28
C ALA C 178 2.24 -12.71 -8.75
N HIS C 179 1.46 -11.70 -9.17
CA HIS C 179 1.91 -10.38 -9.58
C HIS C 179 2.48 -9.64 -8.36
N ARG C 180 1.70 -9.54 -7.25
CA ARG C 180 2.09 -8.89 -5.99
C ARG C 180 3.39 -9.46 -5.41
N LEU C 181 3.65 -10.75 -5.74
CA LEU C 181 4.81 -11.55 -5.36
C LEU C 181 5.98 -11.43 -6.36
N GLY C 182 5.76 -10.65 -7.42
CA GLY C 182 6.73 -10.42 -8.50
C GLY C 182 7.13 -11.69 -9.23
N MET C 183 6.16 -12.58 -9.49
CA MET C 183 6.41 -13.85 -10.16
C MET C 183 5.87 -13.83 -11.57
N GLY C 184 6.67 -13.25 -12.45
CA GLY C 184 6.39 -13.04 -13.87
C GLY C 184 5.92 -14.21 -14.69
N GLN C 185 6.79 -15.23 -14.91
CA GLN C 185 6.48 -16.41 -15.73
C GLN C 185 5.25 -17.15 -15.20
N LEU C 186 5.07 -17.18 -13.84
CA LEU C 186 3.93 -17.82 -13.19
C LEU C 186 2.64 -17.09 -13.51
N LYS C 187 2.57 -15.75 -13.25
CA LYS C 187 1.39 -14.89 -13.50
C LYS C 187 0.91 -14.98 -14.95
N TRP C 188 1.83 -14.99 -15.92
CA TRP C 188 1.49 -15.13 -17.33
C TRP C 188 0.85 -16.49 -17.59
N GLU C 189 1.51 -17.57 -17.15
CA GLU C 189 1.00 -18.91 -17.32
C GLU C 189 -0.34 -19.17 -16.63
N LEU C 190 -0.57 -18.56 -15.44
CA LEU C 190 -1.87 -18.70 -14.75
C LEU C 190 -2.96 -18.05 -15.61
N GLU C 191 -2.68 -16.84 -16.17
CA GLU C 191 -3.58 -16.10 -17.05
C GLU C 191 -3.94 -16.94 -18.28
N ASP C 192 -2.93 -17.30 -19.10
CA ASP C 192 -3.12 -18.09 -20.32
C ASP C 192 -3.87 -19.40 -20.10
N LEU C 193 -3.54 -20.13 -19.02
CA LEU C 193 -4.24 -21.38 -18.69
C LEU C 193 -5.70 -21.13 -18.27
N SER C 194 -5.98 -20.00 -17.59
CA SER C 194 -7.32 -19.61 -17.13
C SER C 194 -8.20 -19.23 -18.31
N PHE C 195 -7.66 -18.46 -19.25
CA PHE C 195 -8.33 -18.01 -20.47
C PHE C 195 -8.69 -19.21 -21.38
N ARG C 196 -7.82 -20.25 -21.43
CA ARG C 196 -8.02 -21.50 -22.19
C ARG C 196 -9.26 -22.27 -21.68
N TYR C 197 -9.53 -22.17 -20.38
CA TYR C 197 -10.65 -22.83 -19.71
C TYR C 197 -11.71 -21.82 -19.20
N LEU C 198 -11.70 -20.59 -19.75
CA LEU C 198 -12.69 -19.54 -19.43
C LEU C 198 -13.39 -18.99 -20.67
N HIS C 199 -12.64 -18.69 -21.75
CA HIS C 199 -13.21 -18.23 -23.03
C HIS C 199 -12.52 -19.06 -24.14
N PRO C 200 -12.87 -20.36 -24.31
CA PRO C 200 -12.18 -21.18 -25.33
C PRO C 200 -12.47 -20.74 -26.76
N GLU C 201 -13.58 -20.00 -26.94
CA GLU C 201 -14.05 -19.42 -28.20
C GLU C 201 -13.03 -18.37 -28.63
N ALA C 202 -12.68 -17.46 -27.68
CA ALA C 202 -11.73 -16.38 -27.85
C ALA C 202 -10.27 -16.88 -27.85
N PHE C 203 -9.96 -17.86 -26.96
CA PHE C 203 -8.61 -18.44 -26.84
C PHE C 203 -8.18 -19.14 -28.13
N ALA C 204 -8.94 -20.15 -28.59
CA ALA C 204 -8.63 -20.93 -29.79
C ALA C 204 -8.54 -20.07 -31.05
N SER C 205 -9.32 -18.96 -31.11
CA SER C 205 -9.31 -18.04 -32.23
C SER C 205 -8.05 -17.18 -32.24
N LEU C 206 -7.63 -16.65 -31.03
CA LEU C 206 -6.41 -15.84 -30.89
C LEU C 206 -5.16 -16.70 -31.10
N SER C 207 -5.12 -17.89 -30.48
CA SER C 207 -4.01 -18.86 -30.55
C SER C 207 -3.75 -19.33 -32.01
N ALA C 208 -4.82 -19.57 -32.78
CA ALA C 208 -4.71 -20.00 -34.19
C ALA C 208 -4.26 -18.83 -35.08
N ARG C 209 -4.65 -17.59 -34.72
CA ARG C 209 -4.27 -16.35 -35.41
C ARG C 209 -2.79 -16.04 -35.18
N ILE C 210 -2.28 -16.40 -33.98
CA ILE C 210 -0.88 -16.26 -33.54
C ILE C 210 -0.03 -17.31 -34.28
N GLN C 211 -0.55 -18.57 -34.37
CA GLN C 211 0.10 -19.71 -35.05
C GLN C 211 0.21 -19.51 -36.57
N ALA C 212 -0.67 -18.67 -37.15
CA ALA C 212 -0.66 -18.33 -38.57
C ALA C 212 0.45 -17.30 -38.89
N THR C 213 0.54 -16.23 -38.05
CA THR C 213 1.55 -15.15 -38.17
C THR C 213 2.93 -15.56 -37.60
N GLN C 214 2.99 -16.73 -36.92
CA GLN C 214 4.18 -17.32 -36.29
C GLN C 214 5.38 -17.45 -37.22
N GLU C 215 5.18 -17.80 -38.50
CA GLU C 215 6.27 -17.95 -39.45
C GLU C 215 6.92 -16.61 -39.82
N ALA C 216 6.10 -15.59 -40.13
CA ALA C 216 6.57 -14.24 -40.48
C ALA C 216 7.28 -13.60 -39.28
N ARG C 217 6.74 -13.84 -38.07
CA ARG C 217 7.30 -13.33 -36.83
C ARG C 217 8.63 -14.01 -36.51
N GLU C 218 8.69 -15.37 -36.53
CA GLU C 218 9.90 -16.15 -36.23
C GLU C 218 11.14 -15.75 -37.05
N ARG C 219 11.00 -15.42 -38.36
CA ARG C 219 12.14 -15.04 -39.23
C ARG C 219 12.67 -13.62 -38.95
N LEU C 220 11.75 -12.68 -38.65
CA LEU C 220 12.06 -11.29 -38.34
C LEU C 220 12.79 -11.20 -36.99
N ILE C 221 12.24 -11.88 -35.95
CA ILE C 221 12.85 -11.92 -34.61
C ILE C 221 14.22 -12.62 -34.68
N GLN C 222 14.33 -13.71 -35.46
CA GLN C 222 15.60 -14.41 -35.65
C GLN C 222 16.62 -13.58 -36.41
N LYS C 223 16.17 -12.59 -37.20
CA LYS C 223 17.07 -11.67 -37.88
C LYS C 223 17.57 -10.63 -36.86
N ALA C 224 16.68 -10.19 -35.94
CA ALA C 224 17.02 -9.24 -34.88
C ALA C 224 17.90 -9.85 -33.79
N ILE C 225 17.58 -11.08 -33.30
CA ILE C 225 18.34 -11.75 -32.24
C ILE C 225 19.76 -12.07 -32.70
N HIS C 226 19.95 -12.43 -33.99
CA HIS C 226 21.27 -12.72 -34.54
C HIS C 226 22.04 -11.43 -34.67
N LEU C 227 21.35 -10.35 -35.11
CA LEU C 227 21.92 -9.01 -35.28
C LEU C 227 22.45 -8.45 -33.98
N LEU C 228 21.64 -8.58 -32.92
CA LEU C 228 21.96 -8.11 -31.59
C LEU C 228 23.07 -8.91 -30.97
N GLN C 229 22.94 -10.26 -30.91
CA GLN C 229 23.98 -11.14 -30.38
C GLN C 229 25.33 -10.72 -30.92
N GLU C 230 25.45 -10.59 -32.26
CA GLU C 230 26.68 -10.19 -32.93
C GLU C 230 27.24 -8.85 -32.41
N THR C 231 26.37 -7.83 -32.19
CA THR C 231 26.76 -6.50 -31.69
C THR C 231 27.36 -6.59 -30.28
N LEU C 232 26.64 -7.30 -29.38
CA LEU C 232 27.00 -7.52 -27.97
C LEU C 232 28.35 -8.23 -27.82
N ALA C 233 28.51 -9.39 -28.46
CA ALA C 233 29.74 -10.20 -28.44
C ALA C 233 30.97 -9.43 -28.98
N ARG C 234 30.74 -8.53 -29.95
CA ARG C 234 31.75 -7.68 -30.60
C ARG C 234 32.31 -6.60 -29.68
N ASP C 235 31.46 -6.02 -28.77
CA ASP C 235 31.92 -4.98 -27.83
C ASP C 235 32.83 -5.57 -26.76
N GLU C 236 34.09 -5.12 -26.77
CA GLU C 236 35.15 -5.53 -25.85
C GLU C 236 34.89 -5.09 -24.38
N LEU C 237 34.26 -3.89 -24.16
CA LEU C 237 33.94 -3.39 -22.81
C LEU C 237 32.95 -4.30 -22.08
N LEU C 238 31.82 -4.58 -22.71
CA LEU C 238 30.75 -5.43 -22.18
C LEU C 238 31.29 -6.80 -21.81
N GLN C 239 32.02 -7.43 -22.73
CA GLN C 239 32.59 -8.76 -22.59
C GLN C 239 33.66 -8.86 -21.49
N SER C 240 34.15 -7.70 -20.97
CA SER C 240 35.13 -7.66 -19.89
C SER C 240 34.42 -7.77 -18.55
N GLN C 241 33.14 -7.34 -18.53
CA GLN C 241 32.24 -7.30 -17.38
C GLN C 241 31.31 -8.51 -17.31
N LEU C 242 30.88 -9.01 -18.47
CA LEU C 242 29.99 -10.17 -18.52
C LEU C 242 30.82 -11.45 -18.46
N GLN C 243 30.10 -12.57 -18.33
CA GLN C 243 30.62 -13.95 -18.33
C GLN C 243 29.91 -14.65 -19.50
N GLY C 244 28.78 -14.07 -19.91
CA GLY C 244 27.94 -14.53 -21.01
C GLY C 244 26.59 -13.83 -21.05
N PHE C 245 25.77 -14.17 -22.04
CA PHE C 245 24.44 -13.59 -22.24
C PHE C 245 23.55 -14.52 -23.07
N GLU C 246 22.25 -14.18 -23.13
CA GLU C 246 21.24 -14.90 -23.89
C GLU C 246 20.26 -13.89 -24.48
N VAL C 247 20.00 -13.98 -25.78
CA VAL C 247 19.06 -13.05 -26.43
C VAL C 247 17.94 -13.86 -27.15
N THR C 248 16.68 -13.68 -26.70
CA THR C 248 15.49 -14.41 -27.18
C THR C 248 14.21 -13.57 -27.22
N GLY C 249 13.36 -13.82 -28.23
CA GLY C 249 12.06 -13.16 -28.38
C GLY C 249 11.06 -13.71 -27.38
N ARG C 250 10.52 -12.84 -26.50
CA ARG C 250 9.59 -13.23 -25.43
C ARG C 250 8.26 -13.76 -25.98
N PRO C 251 7.80 -14.96 -25.53
CA PRO C 251 6.54 -15.52 -26.05
C PRO C 251 5.30 -14.71 -25.69
N LYS C 252 4.32 -14.70 -26.63
CA LYS C 252 3.06 -13.96 -26.55
C LYS C 252 2.25 -14.31 -25.30
N HIS C 253 1.76 -13.28 -24.59
CA HIS C 253 1.03 -13.43 -23.31
C HIS C 253 -0.45 -13.81 -23.47
N LEU C 254 -1.00 -13.76 -24.70
CA LEU C 254 -2.42 -14.12 -24.97
C LEU C 254 -3.39 -13.36 -24.04
N TYR C 255 -2.96 -12.18 -23.56
CA TYR C 255 -3.74 -11.29 -22.72
C TYR C 255 -3.62 -9.88 -23.29
N SER C 256 -3.77 -9.90 -24.62
CA SER C 256 -3.91 -8.84 -25.60
C SER C 256 -5.43 -8.76 -25.81
N ILE C 257 -6.12 -9.81 -25.33
CA ILE C 257 -7.61 -9.87 -25.38
C ILE C 257 -8.11 -8.75 -24.46
N TRP C 258 -7.52 -8.63 -23.26
CA TRP C 258 -7.94 -7.52 -22.38
C TRP C 258 -7.78 -6.17 -23.10
N LYS C 259 -6.59 -5.92 -23.71
CA LYS C 259 -6.29 -4.70 -24.47
C LYS C 259 -7.30 -4.50 -25.63
N LYS C 260 -7.72 -5.61 -26.28
CA LYS C 260 -8.69 -5.65 -27.39
C LYS C 260 -10.12 -5.38 -26.94
N MET C 261 -10.51 -5.96 -25.80
CA MET C 261 -11.87 -5.73 -25.25
C MET C 261 -11.95 -4.27 -24.78
N GLU C 262 -10.90 -3.80 -24.10
CA GLU C 262 -10.84 -2.40 -23.59
C GLU C 262 -10.87 -1.42 -24.77
N ARG C 263 -10.12 -1.73 -25.83
CA ARG C 263 -10.05 -0.87 -27.03
C ARG C 263 -10.93 -1.47 -28.13
N GLU C 264 -10.43 -1.47 -29.37
CA GLU C 264 -11.18 -2.06 -30.51
C GLU C 264 -10.43 -3.32 -30.99
N GLY C 265 -11.18 -4.37 -31.34
CA GLY C 265 -10.59 -5.63 -31.79
C GLY C 265 -10.05 -5.61 -33.21
N LYS C 266 -9.21 -4.59 -33.51
CA LYS C 266 -8.59 -4.33 -34.81
C LYS C 266 -7.19 -4.93 -35.00
N THR C 267 -6.52 -5.37 -33.90
CA THR C 267 -5.17 -5.95 -33.91
C THR C 267 -5.05 -7.16 -34.89
N LEU C 268 -6.17 -7.91 -35.06
CA LEU C 268 -6.29 -9.08 -35.93
C LEU C 268 -6.14 -8.72 -37.40
N LEU C 274 4.15 -5.15 -31.20
CA LEU C 274 3.95 -6.56 -31.56
C LEU C 274 5.26 -7.39 -31.52
N LEU C 275 6.32 -6.89 -32.21
CA LEU C 275 7.63 -7.54 -32.27
C LEU C 275 8.43 -7.21 -30.99
N ALA C 276 8.84 -8.24 -30.22
CA ALA C 276 9.56 -8.09 -28.94
C ALA C 276 10.74 -9.06 -28.79
N VAL C 277 11.77 -8.63 -28.04
CA VAL C 277 12.99 -9.41 -27.76
C VAL C 277 13.55 -9.11 -26.34
N ARG C 278 14.16 -10.12 -25.67
CA ARG C 278 14.75 -10.01 -24.33
C ARG C 278 16.23 -10.37 -24.32
N VAL C 279 17.02 -9.52 -23.66
CA VAL C 279 18.47 -9.69 -23.53
C VAL C 279 18.72 -10.00 -22.05
N ILE C 280 19.28 -11.18 -21.76
CA ILE C 280 19.52 -11.59 -20.37
C ILE C 280 21.00 -11.68 -20.13
N LEU C 281 21.57 -10.63 -19.55
CA LEU C 281 23.00 -10.55 -19.24
C LEU C 281 23.38 -11.46 -18.05
N ASP C 282 24.57 -12.12 -18.12
CA ASP C 282 25.06 -12.95 -17.02
C ASP C 282 26.42 -12.42 -16.60
N PRO C 283 26.44 -11.48 -15.64
CA PRO C 283 27.72 -10.90 -15.23
C PRO C 283 28.72 -11.87 -14.62
N LYS C 284 30.00 -11.47 -14.72
CA LYS C 284 31.13 -12.16 -14.14
C LYS C 284 31.10 -11.89 -12.62
N PRO C 285 31.72 -12.73 -11.76
CA PRO C 285 31.69 -12.44 -10.32
C PRO C 285 32.61 -11.28 -9.96
N ALA C 286 32.09 -10.35 -9.16
CA ALA C 286 32.85 -9.20 -8.67
C ALA C 286 33.44 -9.57 -7.29
N PRO C 287 34.51 -8.89 -6.77
CA PRO C 287 35.09 -9.30 -5.48
C PRO C 287 34.45 -8.69 -4.24
N THR C 288 33.67 -7.61 -4.40
CA THR C 288 32.99 -6.99 -3.30
C THR C 288 31.48 -6.98 -3.62
N ARG C 289 30.66 -6.52 -2.66
CA ARG C 289 29.21 -6.44 -2.77
C ARG C 289 28.85 -5.14 -3.47
N GLU C 290 29.69 -4.13 -3.25
CA GLU C 290 29.60 -2.77 -3.79
C GLU C 290 29.78 -2.86 -5.31
N SER C 291 30.84 -3.57 -5.77
CA SER C 291 31.20 -3.76 -7.18
C SER C 291 30.21 -4.62 -7.94
N GLN C 292 29.70 -5.70 -7.33
CA GLN C 292 28.75 -6.61 -7.96
C GLN C 292 27.45 -5.88 -8.29
N ALA C 293 27.04 -4.97 -7.38
CA ALA C 293 25.88 -4.11 -7.56
C ALA C 293 26.16 -3.09 -8.67
N LEU C 294 27.31 -2.37 -8.58
CA LEU C 294 27.73 -1.40 -9.58
C LEU C 294 27.76 -2.00 -10.98
N ARG C 295 28.29 -3.23 -11.12
CA ARG C 295 28.36 -3.99 -12.38
C ARG C 295 26.97 -4.28 -12.92
N GLU C 296 26.10 -4.90 -12.09
CA GLU C 296 24.74 -5.27 -12.46
C GLU C 296 23.96 -4.12 -13.13
N LYS C 297 24.26 -2.84 -12.77
CA LYS C 297 23.65 -1.67 -13.41
C LYS C 297 24.44 -1.21 -14.70
N GLN C 298 25.81 -1.27 -14.70
CA GLN C 298 26.67 -0.90 -15.86
C GLN C 298 26.27 -1.67 -17.10
N VAL C 299 26.40 -3.02 -17.02
CA VAL C 299 26.13 -3.99 -18.08
C VAL C 299 24.80 -3.70 -18.79
N CYS C 300 23.78 -3.24 -18.03
CA CYS C 300 22.45 -2.94 -18.54
C CYS C 300 22.38 -1.65 -19.32
N TYR C 301 22.83 -0.52 -18.73
CA TYR C 301 22.80 0.77 -19.42
C TYR C 301 23.78 0.76 -20.61
N HIS C 302 24.80 -0.09 -20.54
CA HIS C 302 25.73 -0.21 -21.62
C HIS C 302 25.10 -0.97 -22.77
N VAL C 303 24.31 -1.99 -22.47
CA VAL C 303 23.61 -2.73 -23.53
C VAL C 303 22.53 -1.81 -24.14
N LEU C 304 22.01 -0.84 -23.35
CA LEU C 304 21.00 0.11 -23.82
C LEU C 304 21.59 0.96 -24.93
N GLY C 305 22.63 1.70 -24.62
CA GLY C 305 23.34 2.54 -25.59
C GLY C 305 23.81 1.76 -26.82
N LEU C 306 24.04 0.45 -26.64
CA LEU C 306 24.44 -0.48 -27.69
C LEU C 306 23.27 -0.78 -28.61
N VAL C 307 22.06 -0.92 -28.04
CA VAL C 307 20.84 -1.18 -28.82
C VAL C 307 20.49 0.09 -29.58
N HIS C 308 20.48 1.24 -28.88
CA HIS C 308 20.23 2.57 -29.46
C HIS C 308 21.14 2.89 -30.66
N ALA C 309 22.31 2.25 -30.71
CA ALA C 309 23.28 2.41 -31.78
C ALA C 309 22.97 1.46 -32.95
N LEU C 310 22.47 0.25 -32.63
CA LEU C 310 22.14 -0.78 -33.62
C LEU C 310 20.84 -0.42 -34.36
N TRP C 311 19.80 -0.02 -33.61
CA TRP C 311 18.50 0.38 -34.11
C TRP C 311 18.10 1.69 -33.47
N GLN C 312 17.50 2.62 -34.23
CA GLN C 312 17.09 3.94 -33.74
C GLN C 312 15.86 3.85 -32.82
N PRO C 313 15.92 4.45 -31.62
CA PRO C 313 14.78 4.34 -30.70
C PRO C 313 13.77 5.48 -30.79
N ILE C 314 12.50 5.20 -30.56
CA ILE C 314 11.49 6.24 -30.56
C ILE C 314 11.57 6.95 -29.19
N PRO C 315 11.67 8.30 -29.17
CA PRO C 315 11.84 9.03 -27.90
C PRO C 315 10.71 8.86 -26.89
N GLY C 316 11.08 8.71 -25.62
CA GLY C 316 10.13 8.53 -24.52
C GLY C 316 9.51 7.15 -24.50
N ARG C 317 10.10 6.19 -25.25
CA ARG C 317 9.64 4.80 -25.29
C ARG C 317 10.53 3.91 -24.40
N VAL C 318 11.42 4.54 -23.61
CA VAL C 318 12.34 3.89 -22.66
C VAL C 318 11.70 3.78 -21.28
N LYS C 319 11.71 2.57 -20.68
CA LYS C 319 11.19 2.28 -19.34
C LYS C 319 12.31 1.67 -18.51
N ASP C 320 12.77 2.41 -17.47
CA ASP C 320 13.89 1.98 -16.62
C ASP C 320 13.43 1.51 -15.24
N TYR C 321 13.06 0.22 -15.14
CA TYR C 321 12.63 -0.40 -13.89
C TYR C 321 13.79 -0.75 -12.97
N ILE C 322 15.04 -0.55 -13.44
CA ILE C 322 16.24 -0.77 -12.63
C ILE C 322 16.30 0.39 -11.61
N ALA C 323 16.31 1.64 -12.12
CA ALA C 323 16.37 2.84 -11.31
C ALA C 323 15.11 3.02 -10.49
N VAL C 324 13.93 2.75 -11.09
CA VAL C 324 12.65 2.81 -10.38
C VAL C 324 11.89 1.43 -10.49
N PRO C 325 12.27 0.43 -9.65
CA PRO C 325 11.59 -0.88 -9.70
C PRO C 325 10.07 -0.80 -9.60
N LYS C 326 9.31 -1.69 -10.28
CA LYS C 326 7.84 -1.73 -10.20
C LYS C 326 7.49 -1.97 -8.70
N PRO C 327 6.25 -1.66 -8.19
CA PRO C 327 6.00 -1.86 -6.75
C PRO C 327 6.28 -3.28 -6.25
N ASN C 328 5.95 -4.31 -7.08
CA ASN C 328 6.20 -5.73 -6.79
C ASN C 328 7.70 -6.14 -6.78
N GLY C 329 8.60 -5.24 -7.17
CA GLY C 329 10.03 -5.49 -7.20
C GLY C 329 10.69 -5.59 -8.55
N TYR C 330 9.89 -5.68 -9.63
CA TYR C 330 10.35 -5.83 -11.01
C TYR C 330 11.36 -4.80 -11.46
N GLN C 331 12.47 -5.30 -12.02
CA GLN C 331 13.55 -4.50 -12.60
C GLN C 331 13.86 -5.05 -13.98
N SER C 332 14.08 -4.12 -14.93
CA SER C 332 14.42 -4.36 -16.34
C SER C 332 14.62 -3.03 -16.97
N LEU C 333 15.06 -3.05 -18.22
CA LEU C 333 15.27 -1.87 -19.01
C LEU C 333 14.53 -2.16 -20.32
N HIS C 334 13.43 -1.43 -20.59
CA HIS C 334 12.61 -1.64 -21.80
C HIS C 334 12.80 -0.50 -22.79
N THR C 335 12.76 -0.81 -24.10
CA THR C 335 12.89 0.17 -25.17
C THR C 335 12.28 -0.32 -26.48
N THR C 336 11.57 0.59 -27.15
CA THR C 336 10.94 0.33 -28.48
C THR C 336 11.80 1.00 -29.55
N VAL C 337 12.35 0.20 -30.47
CA VAL C 337 13.25 0.69 -31.50
C VAL C 337 12.68 0.41 -32.89
N ILE C 338 12.99 1.29 -33.87
CA ILE C 338 12.57 1.13 -35.26
C ILE C 338 13.63 0.29 -35.96
N ALA C 339 13.61 -1.00 -35.64
CA ALA C 339 14.50 -2.02 -36.15
C ALA C 339 14.09 -2.46 -37.53
N LEU C 340 15.07 -2.94 -38.29
CA LEU C 340 14.94 -3.46 -39.65
C LEU C 340 14.38 -2.39 -40.61
N GLU C 341 13.24 -2.65 -41.27
CA GLU C 341 12.65 -1.68 -42.18
C GLU C 341 11.47 -0.93 -41.54
N GLY C 342 11.80 0.06 -40.71
CA GLY C 342 10.84 0.90 -39.99
C GLY C 342 9.81 0.13 -39.18
N LEU C 343 10.26 -0.98 -38.57
CA LEU C 343 9.45 -1.91 -37.79
C LEU C 343 9.68 -1.70 -36.29
N PRO C 344 8.61 -1.50 -35.47
CA PRO C 344 8.81 -1.33 -34.02
C PRO C 344 9.22 -2.64 -33.33
N LEU C 345 10.18 -2.56 -32.38
CA LEU C 345 10.68 -3.73 -31.66
C LEU C 345 10.99 -3.40 -30.20
N GLU C 346 10.40 -4.16 -29.25
CA GLU C 346 10.66 -3.97 -27.83
C GLU C 346 11.91 -4.76 -27.45
N VAL C 347 12.77 -4.17 -26.63
CA VAL C 347 14.01 -4.79 -26.16
C VAL C 347 14.06 -4.71 -24.62
N GLN C 348 13.89 -5.86 -23.97
CA GLN C 348 13.98 -5.98 -22.52
C GLN C 348 15.45 -6.29 -22.22
N ILE C 349 16.04 -5.66 -21.17
CA ILE C 349 17.43 -5.90 -20.77
C ILE C 349 17.45 -6.29 -19.27
N ARG C 350 17.93 -7.53 -18.94
CA ARG C 350 17.93 -8.09 -17.57
C ARG C 350 19.28 -8.60 -17.11
N THR C 351 19.46 -8.81 -15.79
CA THR C 351 20.73 -9.27 -15.19
C THR C 351 20.69 -10.72 -14.71
N ARG C 352 19.71 -11.53 -15.19
CA ARG C 352 19.57 -12.94 -14.80
C ARG C 352 19.00 -13.04 -13.38
N GLU C 353 19.72 -12.47 -12.41
CA GLU C 353 19.31 -12.47 -10.98
C GLU C 353 17.97 -11.75 -10.86
N MET C 354 17.85 -10.55 -11.45
CA MET C 354 16.59 -9.77 -11.41
C MET C 354 15.49 -10.55 -12.15
N HIS C 355 15.83 -11.24 -13.25
CA HIS C 355 14.86 -12.04 -14.05
C HIS C 355 14.25 -13.15 -13.18
N ARG C 356 15.02 -13.65 -12.19
CA ARG C 356 14.53 -14.71 -11.30
C ARG C 356 13.89 -15.87 -12.09
MN MN D . 40.68 18.05 21.82
CL CL E . 10.56 21.53 -2.88
MN MN F . -49.59 -0.34 -11.94
P PO4 G . -34.02 -10.34 15.01
O1 PO4 G . -33.89 -10.24 13.42
O2 PO4 G . -32.63 -9.90 15.69
O3 PO4 G . -34.33 -11.80 15.39
O4 PO4 G . -35.20 -9.38 15.50
CL CL H . -46.12 -3.84 -9.62
MN MN I . -2.92 -29.89 -4.43
CL CL J . 1.90 -49.03 -5.52
CL CL K . 7.98 -16.46 -12.02
CL CL L . 3.42 -4.05 -9.69
CL CL M . -5.52 -25.50 -6.23
NA NA N . 19.27 -36.97 -2.29
#